data_5DWU
#
_entry.id   5DWU
#
_cell.length_a   99.953
_cell.length_b   71.289
_cell.length_c   221.234
_cell.angle_alpha   90.000
_cell.angle_beta   102.710
_cell.angle_gamma   90.000
#
_symmetry.space_group_name_H-M   'C 1 2 1'
#
loop_
_entity.id
_entity.type
_entity.pdbx_description
1 polymer 'Cytokine receptor common subunit beta'
2 polymer 'Cytokine receptor common subunit beta'
3 polymer 'Fab - Heavy Chain'
4 polymer 'Fab - Light Chain'
5 non-polymer 2-acetamido-2-deoxy-beta-D-glucopyranose
#
loop_
_entity_poly.entity_id
_entity_poly.type
_entity_poly.pdbx_seq_one_letter_code
_entity_poly.pdbx_strand_id
1 'polypeptide(L)'
;WERSLAGAEETIPLQTLRCYNDYTSHITCRWADTQDAQRLVNVTLIRRVNEDLLEPVSCDLSDDMPWSACPHPRCVPRRC
VIPCQSFVVTDVDYFSFQPDRPLGTRLTVTLTQHVQPPEPRDLQISTDQDHFLLTWSVALGSPQSHWLSPGDLEFEVVYK
RLQDSWEDAAILLSNTSQATLGPEHLMPSSTYVARVRTRLAPGSRLSGRPSKWSPEVCWDSQPG
;
A
2 'polypeptide(L)'
;DEAQPQNLECFFDGAAVLSCSWEVRKEVASSVSFGLFYKPSPDAGEEECSPVLREGLGSLHTRHHCQIPVPDPATHGQYI
VSVQPRRAEKHIKSSVNIQMAPPSLQVTKDGDSYSLRWETMKMRYEHIDHTFEIQYRKDTATWKDSKTETLQNAHSMALP
ALEPSTRYWARVRVRTSRTGYNGIWSEWSEARSWDTESVLPMW
;
B
3 'polypeptide(L)'
;EVQLLESGGGLVQPGGSLRLSCAASGFTFPWYRVHWVRQAPGKGLEWVSSIRSSGGFPYYNYKVKGRFTISRDNSKNTLY
LQMNSLRAEDTAVYYCARFYDSFFDIWGQGTMVTVSSASTKGPSVFPLAPCSRSTSESTAALGCLVKDYFPEPVTVSWNS
GALTSGVHTFPAVLQSSGLYSLSSVVTVPSSSLGTKTYTCNVDHKPSNTKVDKRVESKYGPP
;
H
4 'polypeptide(L)'
;DIQMTQSPSSVSASVGDRVTITCRASQGISSWLAWYQQKPGKAPKLLIYAASSLQSGVPSRFSGSGSGTDFTLTISSLQP
EDFATYYCQQANSFPITFGQGTRLEIKRTVAAPSVFIFPPSDEQLKSGTASVVCLLNNFYPREAKVQWKVDNALQSGNSQ
ESVTEQDSKDSTYSLSSTLTLSKADYEKHKVYACEVTHQGLSSPVTKSFNRGEC
;
L
#
# COMPACT_ATOMS: atom_id res chain seq x y z
N GLU A 10 17.60 18.17 -19.55
CA GLU A 10 18.02 17.23 -18.52
C GLU A 10 19.55 17.21 -18.39
N THR A 11 20.03 17.26 -17.15
CA THR A 11 21.46 17.28 -16.90
C THR A 11 22.07 15.89 -17.06
N ILE A 12 23.39 15.82 -17.21
CA ILE A 12 24.07 14.56 -17.48
C ILE A 12 24.15 13.59 -16.30
N PRO A 13 24.22 14.07 -15.04
CA PRO A 13 24.29 13.04 -14.00
C PRO A 13 23.01 12.22 -13.90
N LEU A 14 21.86 12.88 -13.88
CA LEU A 14 20.57 12.20 -13.82
C LEU A 14 20.28 11.48 -15.13
N GLN A 15 20.98 11.87 -16.19
CA GLN A 15 20.81 11.27 -17.50
C GLN A 15 21.70 10.04 -17.67
N THR A 16 22.83 10.03 -16.97
CA THR A 16 23.76 8.91 -17.01
C THR A 16 23.53 7.90 -15.89
N LEU A 17 22.84 8.32 -14.84
CA LEU A 17 22.61 7.46 -13.69
C LEU A 17 21.54 6.41 -13.98
N ARG A 18 21.87 5.16 -13.69
CA ARG A 18 20.93 4.04 -13.82
C ARG A 18 21.25 2.95 -12.81
N CYS A 19 20.48 2.92 -11.73
CA CYS A 19 20.72 1.97 -10.64
C CYS A 19 19.97 0.65 -10.84
N TYR A 20 20.70 -0.45 -10.70
CA TYR A 20 20.12 -1.79 -10.70
C TYR A 20 20.45 -2.44 -9.36
N ASN A 21 19.91 -3.63 -9.12
CA ASN A 21 20.11 -4.30 -7.84
C ASN A 21 19.94 -5.81 -7.91
N ASP A 22 20.43 -6.49 -6.88
CA ASP A 22 20.27 -7.94 -6.77
C ASP A 22 19.01 -8.27 -5.99
N TYR A 23 18.40 -7.26 -5.39
CA TYR A 23 17.11 -7.40 -4.71
C TYR A 23 17.23 -8.32 -3.51
N THR A 24 18.25 -8.08 -2.67
CA THR A 24 18.48 -8.93 -1.51
C THR A 24 19.46 -8.35 -0.50
N SER A 25 20.51 -7.69 -1.00
CA SER A 25 21.62 -7.27 -0.15
C SER A 25 22.09 -5.84 -0.39
N HIS A 26 21.94 -5.35 -1.61
CA HIS A 26 22.55 -4.07 -1.97
C HIS A 26 21.94 -3.40 -3.20
N ILE A 27 22.49 -2.23 -3.52
CA ILE A 27 22.17 -1.51 -4.74
C ILE A 27 23.47 -0.92 -5.29
N THR A 28 23.75 -1.18 -6.56
CA THR A 28 24.97 -0.72 -7.20
C THR A 28 24.66 0.33 -8.26
N CYS A 29 24.93 1.58 -7.93
CA CYS A 29 24.69 2.69 -8.84
C CYS A 29 25.99 3.15 -9.50
N ARG A 30 25.89 3.66 -10.72
CA ARG A 30 27.02 4.28 -11.38
C ARG A 30 26.55 5.34 -12.37
N TRP A 31 27.32 6.43 -12.43
CA TRP A 31 26.95 7.61 -13.20
C TRP A 31 28.24 8.25 -13.72
N ALA A 32 28.18 9.53 -14.08
CA ALA A 32 29.37 10.22 -14.56
C ALA A 32 29.20 11.74 -14.56
N ASP A 33 30.32 12.44 -14.38
CA ASP A 33 30.36 13.89 -14.47
C ASP A 33 31.43 14.30 -15.47
N THR A 34 31.19 15.39 -16.19
CA THR A 34 32.10 15.84 -17.22
C THR A 34 33.32 16.53 -16.62
N GLN A 35 34.45 16.44 -17.31
CA GLN A 35 35.71 16.99 -16.82
C GLN A 35 35.70 18.52 -16.85
N ASP A 36 34.89 19.09 -17.73
CA ASP A 36 34.79 20.54 -17.86
C ASP A 36 34.16 21.16 -16.61
N ALA A 37 33.25 20.41 -16.00
CA ALA A 37 32.53 20.88 -14.81
C ALA A 37 33.37 20.68 -13.55
N GLN A 38 34.14 19.60 -13.52
CA GLN A 38 34.95 19.25 -12.36
C GLN A 38 35.92 20.37 -12.02
N ARG A 39 36.47 21.03 -13.03
CA ARG A 39 37.35 22.17 -12.83
C ARG A 39 36.58 23.31 -12.17
N LEU A 40 35.30 23.43 -12.53
CA LEU A 40 34.44 24.45 -11.95
C LEU A 40 33.97 24.03 -10.56
N VAL A 41 33.18 22.97 -10.50
CA VAL A 41 32.67 22.45 -9.23
C VAL A 41 32.36 20.96 -9.32
N ASN A 42 32.61 20.24 -8.24
CA ASN A 42 32.35 18.81 -8.19
C ASN A 42 30.94 18.53 -7.67
N VAL A 43 30.37 17.38 -8.04
CA VAL A 43 29.03 17.01 -7.64
C VAL A 43 29.00 15.66 -6.91
N THR A 44 28.04 15.52 -5.99
CA THR A 44 27.89 14.29 -5.21
C THR A 44 26.49 13.71 -5.36
N LEU A 45 26.39 12.39 -5.28
CA LEU A 45 25.11 11.72 -5.38
C LEU A 45 24.32 11.85 -4.07
N ILE A 46 23.05 12.23 -4.18
CA ILE A 46 22.20 12.43 -3.00
C ILE A 46 21.12 11.36 -2.91
N ARG A 47 21.04 10.71 -1.74
CA ARG A 47 20.04 9.69 -1.47
C ARG A 47 19.17 10.09 -0.27
N ARG A 48 17.88 10.25 -0.51
CA ARG A 48 16.95 10.69 0.53
C ARG A 48 16.39 9.51 1.33
N VAL A 49 16.26 9.70 2.64
CA VAL A 49 15.69 8.69 3.53
C VAL A 49 14.21 8.99 3.75
N ASN A 50 13.88 10.26 3.93
CA ASN A 50 12.51 10.69 4.10
C ASN A 50 12.34 12.19 3.78
N GLU A 51 11.18 12.73 4.08
CA GLU A 51 10.87 14.13 3.75
C GLU A 51 11.81 15.12 4.43
N ASP A 52 12.15 14.85 5.68
CA ASP A 52 12.92 15.80 6.49
C ASP A 52 14.44 15.56 6.40
N LEU A 53 14.84 14.30 6.42
CA LEU A 53 16.26 13.93 6.49
C LEU A 53 16.76 13.25 5.23
N LEU A 54 17.83 13.79 4.66
CA LEU A 54 18.54 13.16 3.56
C LEU A 54 19.84 12.56 4.09
N GLU A 55 20.55 11.83 3.24
CA GLU A 55 21.80 11.18 3.64
C GLU A 55 22.79 11.09 2.49
N PRO A 56 24.08 11.33 2.77
CA PRO A 56 25.10 11.21 1.72
C PRO A 56 25.55 9.76 1.50
N VAL A 57 26.37 9.54 0.49
CA VAL A 57 26.89 8.21 0.21
C VAL A 57 28.32 8.29 -0.32
N SER A 58 29.18 7.42 0.19
CA SER A 58 30.57 7.37 -0.25
C SER A 58 30.67 6.67 -1.60
N CYS A 59 31.39 7.29 -2.53
CA CYS A 59 31.54 6.74 -3.88
C CYS A 59 32.99 6.80 -4.33
N ASP A 60 33.27 6.18 -5.47
CA ASP A 60 34.64 6.09 -5.99
C ASP A 60 34.64 6.03 -7.51
N LEU A 61 35.82 6.22 -8.10
CA LEU A 61 35.95 6.28 -9.55
C LEU A 61 35.88 4.91 -10.20
N SER A 62 35.83 4.89 -11.52
CA SER A 62 35.81 3.65 -12.30
C SER A 62 36.45 3.89 -13.66
N ASP A 63 36.69 2.81 -14.39
CA ASP A 63 37.39 2.88 -15.67
C ASP A 63 36.43 2.81 -16.86
N ASP A 64 35.27 2.17 -16.66
CA ASP A 64 34.33 1.93 -17.74
C ASP A 64 32.96 2.57 -17.46
N MET A 65 32.01 2.32 -18.35
CA MET A 65 30.66 2.85 -18.22
C MET A 65 29.71 2.04 -19.11
N PRO A 66 29.21 0.91 -18.60
CA PRO A 66 28.47 -0.05 -19.41
C PRO A 66 26.94 0.15 -19.46
N TRP A 67 26.41 1.00 -18.59
CA TRP A 67 24.96 1.11 -18.44
C TRP A 67 24.35 2.33 -19.15
N SER A 68 25.09 3.44 -19.18
CA SER A 68 24.61 4.65 -19.84
C SER A 68 25.61 5.18 -20.86
N ALA A 69 25.22 6.22 -21.58
CA ALA A 69 26.05 6.77 -22.65
C ALA A 69 25.88 8.28 -22.78
N CYS A 70 26.77 8.90 -23.56
CA CYS A 70 26.76 10.36 -23.73
C CYS A 70 27.76 10.78 -24.82
N PRO A 71 27.41 11.81 -25.62
CA PRO A 71 28.32 12.24 -26.69
C PRO A 71 29.38 13.25 -26.24
N HIS A 72 29.73 13.24 -24.96
CA HIS A 72 30.74 14.17 -24.44
C HIS A 72 32.15 13.67 -24.71
N PRO A 73 33.15 14.56 -24.56
CA PRO A 73 34.55 14.18 -24.79
C PRO A 73 35.21 13.56 -23.56
N ARG A 74 35.09 14.22 -22.41
CA ARG A 74 35.70 13.76 -21.18
C ARG A 74 34.64 13.55 -20.09
N CYS A 75 34.59 12.33 -19.56
CA CYS A 75 33.64 11.98 -18.51
C CYS A 75 34.34 11.26 -17.36
N VAL A 76 33.77 11.35 -16.16
CA VAL A 76 34.35 10.75 -14.97
C VAL A 76 33.38 9.72 -14.37
N PRO A 77 33.40 8.49 -14.90
CA PRO A 77 32.47 7.46 -14.41
C PRO A 77 32.83 6.94 -13.01
N ARG A 78 31.81 6.68 -12.19
CA ARG A 78 32.01 6.21 -10.82
C ARG A 78 31.25 4.91 -10.56
N ARG A 79 31.38 4.40 -9.33
CA ARG A 79 30.66 3.20 -8.90
C ARG A 79 30.28 3.29 -7.43
N CYS A 80 29.03 3.64 -7.17
CA CYS A 80 28.51 3.72 -5.81
C CYS A 80 27.79 2.45 -5.40
N VAL A 81 28.13 1.93 -4.22
CA VAL A 81 27.50 0.74 -3.68
C VAL A 81 26.84 1.09 -2.35
N ILE A 82 25.55 0.80 -2.23
CA ILE A 82 24.81 1.04 -0.98
C ILE A 82 24.09 -0.24 -0.55
N PRO A 83 24.25 -0.64 0.73
CA PRO A 83 23.67 -1.90 1.18
C PRO A 83 22.23 -1.77 1.67
N CYS A 84 21.52 -2.90 1.75
CA CYS A 84 20.14 -2.93 2.23
C CYS A 84 19.78 -4.30 2.78
N GLN A 85 18.98 -4.31 3.84
CA GLN A 85 18.50 -5.56 4.43
C GLN A 85 16.98 -5.68 4.29
N SER A 86 16.46 -5.19 3.17
CA SER A 86 15.03 -5.28 2.88
C SER A 86 14.74 -4.89 1.43
N PHE A 87 13.92 -5.69 0.76
CA PHE A 87 13.54 -5.45 -0.63
C PHE A 87 12.13 -5.95 -0.91
N VAL A 88 11.27 -5.06 -1.43
CA VAL A 88 9.91 -5.43 -1.82
C VAL A 88 9.52 -4.67 -3.10
N VAL A 89 8.58 -5.26 -3.84
CA VAL A 89 8.05 -4.67 -5.07
C VAL A 89 7.76 -3.18 -4.96
N THR A 90 7.00 -2.79 -3.95
CA THR A 90 6.47 -1.43 -3.85
C THR A 90 7.49 -0.41 -3.36
N ASP A 91 8.77 -0.76 -3.41
CA ASP A 91 9.84 0.16 -3.01
C ASP A 91 10.25 1.08 -4.15
N VAL A 92 10.34 2.37 -3.85
CA VAL A 92 10.84 3.36 -4.79
C VAL A 92 11.74 4.34 -4.04
N ASP A 93 12.84 4.74 -4.68
CA ASP A 93 13.82 5.63 -4.08
C ASP A 93 14.17 6.78 -5.00
N ASP A 100 29.49 20.42 -4.22
CA ASP A 100 30.81 20.85 -3.79
C ASP A 100 30.73 21.60 -2.46
N ARG A 101 30.57 22.92 -2.52
CA ARG A 101 30.49 23.75 -1.33
C ARG A 101 29.49 24.88 -1.57
N PRO A 102 28.83 25.37 -0.50
CA PRO A 102 27.68 26.29 -0.61
C PRO A 102 27.85 27.45 -1.61
N LEU A 103 26.94 27.50 -2.57
CA LEU A 103 26.87 28.60 -3.53
C LEU A 103 25.49 29.24 -3.45
N GLY A 104 25.37 30.47 -3.94
CA GLY A 104 24.09 31.16 -3.95
C GLY A 104 24.20 32.66 -4.10
N THR A 105 23.06 33.30 -4.30
CA THR A 105 22.99 34.75 -4.44
C THR A 105 21.57 35.25 -4.17
N ARG A 106 21.47 36.35 -3.44
CA ARG A 106 20.18 36.94 -3.08
C ARG A 106 20.07 38.38 -3.57
N LEU A 107 18.87 38.94 -3.49
CA LEU A 107 18.62 40.30 -3.93
C LEU A 107 17.25 40.80 -3.49
N THR A 108 17.23 41.96 -2.84
CA THR A 108 15.99 42.59 -2.40
C THR A 108 15.45 43.49 -3.51
N VAL A 109 14.48 42.98 -4.26
CA VAL A 109 13.97 43.68 -5.45
C VAL A 109 12.52 44.15 -5.27
N THR A 110 12.37 45.44 -4.98
CA THR A 110 11.04 46.06 -4.96
C THR A 110 10.55 46.20 -6.40
N LEU A 111 9.29 45.86 -6.63
CA LEU A 111 8.73 45.87 -7.98
C LEU A 111 8.55 47.28 -8.52
N THR A 112 8.55 48.27 -7.64
CA THR A 112 8.33 49.65 -8.03
C THR A 112 9.56 50.23 -8.74
N GLN A 113 10.74 49.86 -8.27
CA GLN A 113 11.99 50.39 -8.81
C GLN A 113 12.57 49.48 -9.91
N HIS A 114 12.03 48.27 -10.02
CA HIS A 114 12.43 47.33 -11.07
C HIS A 114 11.28 47.10 -12.04
N VAL A 115 10.90 48.15 -12.77
CA VAL A 115 9.77 48.11 -13.68
C VAL A 115 10.16 48.44 -15.11
N GLN A 116 9.97 47.48 -16.01
CA GLN A 116 10.26 47.66 -17.43
C GLN A 116 8.97 47.54 -18.24
N PRO A 117 8.33 48.69 -18.55
CA PRO A 117 7.01 48.67 -19.21
C PRO A 117 7.03 48.03 -20.59
N PRO A 118 5.84 47.76 -21.17
CA PRO A 118 5.75 47.06 -22.46
C PRO A 118 6.15 47.92 -23.64
N GLU A 119 6.45 47.28 -24.77
CA GLU A 119 6.82 48.00 -25.98
C GLU A 119 5.59 48.61 -26.63
N PRO A 120 5.66 49.90 -27.01
CA PRO A 120 4.50 50.53 -27.65
C PRO A 120 4.13 49.90 -28.99
N ARG A 121 2.84 49.68 -29.21
CA ARG A 121 2.37 49.01 -30.41
C ARG A 121 1.58 49.96 -31.30
N ASP A 122 0.96 49.41 -32.34
CA ASP A 122 0.20 50.20 -33.30
C ASP A 122 -1.14 50.64 -32.69
N LEU A 134 2.23 60.39 -36.38
CA LEU A 134 2.83 59.48 -35.40
C LEU A 134 1.84 58.42 -34.96
N THR A 135 1.68 57.39 -35.79
CA THR A 135 0.74 56.31 -35.50
C THR A 135 1.22 55.46 -34.33
N TRP A 136 1.19 56.03 -33.13
CA TRP A 136 1.61 55.32 -31.92
C TRP A 136 0.40 54.87 -31.12
N LEU A 148 -3.61 50.48 -9.04
CA LEU A 148 -4.06 49.46 -9.99
C LEU A 148 -3.43 49.70 -11.37
N SER A 149 -4.08 50.54 -12.17
CA SER A 149 -3.59 50.83 -13.51
C SER A 149 -3.95 52.26 -13.93
N PRO A 150 -3.15 52.85 -14.84
CA PRO A 150 -1.95 52.27 -15.45
C PRO A 150 -0.68 52.60 -14.67
N TYR A 159 14.91 59.38 -33.96
CA TYR A 159 14.52 59.71 -35.32
C TYR A 159 15.71 60.18 -36.13
N LYS A 160 15.90 59.59 -37.31
CA LYS A 160 17.01 59.95 -38.19
C LYS A 160 16.71 59.54 -39.62
N ARG A 161 17.60 59.93 -40.55
CA ARG A 161 17.42 59.60 -41.96
C ARG A 161 17.66 58.12 -42.20
N LEU A 162 17.28 57.65 -43.39
CA LEU A 162 17.49 56.27 -43.78
C LEU A 162 18.97 55.98 -43.97
N GLN A 163 19.65 56.87 -44.68
CA GLN A 163 21.07 56.72 -44.95
C GLN A 163 21.90 57.08 -43.70
N ASP A 164 21.39 58.03 -42.93
CA ASP A 164 22.08 58.48 -41.73
C ASP A 164 22.03 57.40 -40.64
N SER A 165 23.09 57.33 -39.83
CA SER A 165 23.18 56.33 -38.77
C SER A 165 22.54 56.81 -37.47
N TRP A 166 22.33 55.87 -36.55
CA TRP A 166 21.75 56.20 -35.25
C TRP A 166 22.79 56.76 -34.28
N GLU A 167 24.04 56.80 -34.72
CA GLU A 167 25.15 57.21 -33.86
C GLU A 167 24.89 58.56 -33.18
N ASP A 168 24.19 59.45 -33.88
CA ASP A 168 23.82 60.74 -33.32
C ASP A 168 22.54 61.23 -33.96
N ALA A 169 21.47 60.46 -33.77
CA ALA A 169 20.18 60.77 -34.36
C ALA A 169 19.50 61.94 -33.65
N ALA A 170 18.37 62.39 -34.19
CA ALA A 170 17.62 63.49 -33.61
C ALA A 170 16.76 63.01 -32.44
N ILE A 171 16.79 63.75 -31.35
CA ILE A 171 16.06 63.37 -30.14
C ILE A 171 14.56 63.60 -30.31
N LEU A 172 13.79 63.10 -29.33
CA LEU A 172 12.35 63.25 -29.34
C LEU A 172 11.82 63.50 -27.93
N ASN A 175 4.64 63.94 -25.04
CA ASN A 175 4.17 63.45 -23.75
C ASN A 175 3.09 62.39 -23.93
N THR A 176 2.29 62.53 -24.99
CA THR A 176 1.25 61.56 -25.32
C THR A 176 1.72 60.64 -26.45
N SER A 177 0.86 59.70 -26.84
CA SER A 177 1.21 58.73 -27.88
C SER A 177 0.87 59.27 -29.27
N GLN A 178 1.33 60.48 -29.55
CA GLN A 178 1.09 61.12 -30.85
C GLN A 178 2.03 62.30 -31.07
N PRO A 183 9.91 69.04 -42.24
CA PRO A 183 10.76 70.06 -42.87
C PRO A 183 11.86 70.53 -41.93
N GLU A 184 11.47 70.93 -40.73
CA GLU A 184 12.44 71.37 -39.72
C GLU A 184 13.21 70.19 -39.15
N HIS A 185 12.68 68.99 -39.33
CA HIS A 185 13.30 67.77 -38.81
C HIS A 185 13.99 66.98 -39.92
N LEU A 186 13.39 66.98 -41.10
CA LEU A 186 13.92 66.23 -42.25
C LEU A 186 13.89 67.05 -43.52
N MET A 187 14.85 66.79 -44.40
CA MET A 187 14.84 67.36 -45.74
C MET A 187 13.95 66.48 -46.61
N PRO A 188 13.12 67.11 -47.47
CA PRO A 188 12.19 66.31 -48.27
C PRO A 188 12.91 65.42 -49.28
N SER A 189 12.20 64.42 -49.80
CA SER A 189 12.80 63.45 -50.73
C SER A 189 13.91 62.67 -50.02
N SER A 190 13.69 62.36 -48.75
CA SER A 190 14.66 61.62 -47.95
C SER A 190 13.95 60.78 -46.90
N THR A 191 14.16 59.46 -46.97
CA THR A 191 13.52 58.54 -46.04
C THR A 191 14.08 58.70 -44.63
N TYR A 192 13.27 58.34 -43.64
CA TYR A 192 13.68 58.40 -42.23
C TYR A 192 12.97 57.32 -41.43
N VAL A 193 13.74 56.41 -40.85
CA VAL A 193 13.19 55.28 -40.11
C VAL A 193 12.53 55.70 -38.81
N ALA A 194 11.49 54.98 -38.41
CA ALA A 194 10.77 55.25 -37.17
C ALA A 194 11.31 54.38 -36.04
N ARG A 195 11.91 55.02 -35.05
CA ARG A 195 12.45 54.30 -33.89
C ARG A 195 12.11 55.03 -32.60
N VAL A 196 11.08 54.53 -31.91
CA VAL A 196 10.64 55.10 -30.65
C VAL A 196 10.17 53.99 -29.71
N ARG A 197 10.33 54.20 -28.41
CA ARG A 197 9.89 53.23 -27.41
C ARG A 197 9.23 53.94 -26.22
N THR A 198 8.64 53.15 -25.33
CA THR A 198 7.94 53.68 -24.16
C THR A 198 8.79 53.58 -22.91
N ARG A 199 9.25 54.74 -22.42
CA ARG A 199 10.02 54.81 -21.18
C ARG A 199 9.20 55.51 -20.11
N LEU A 200 9.50 55.21 -18.84
CA LEU A 200 8.78 55.78 -17.72
C LEU A 200 9.14 57.24 -17.52
N ALA A 201 8.21 58.01 -16.98
CA ALA A 201 8.45 59.43 -16.68
C ALA A 201 9.38 59.55 -15.48
N PRO A 202 10.36 60.47 -15.55
CA PRO A 202 11.30 60.62 -14.43
C PRO A 202 10.63 61.15 -13.16
N GLY A 203 9.53 61.86 -13.32
CA GLY A 203 8.80 62.42 -12.18
C GLY A 203 7.72 61.49 -11.67
N SER A 204 8.00 60.19 -11.69
CA SER A 204 7.05 59.18 -11.21
C SER A 204 7.68 58.36 -10.08
N SER A 207 10.07 53.74 -11.44
CA SER A 207 11.49 53.62 -11.75
C SER A 207 11.80 52.26 -12.37
N GLY A 208 12.89 52.18 -13.11
CA GLY A 208 13.31 50.95 -13.74
C GLY A 208 14.12 51.17 -15.01
N ARG A 209 13.50 50.89 -16.15
CA ARG A 209 14.16 50.99 -17.44
C ARG A 209 13.16 51.23 -18.56
N PRO A 210 13.64 51.53 -19.78
CA PRO A 210 12.76 51.77 -20.92
C PRO A 210 12.28 50.48 -21.59
N SER A 211 11.34 50.61 -22.52
CA SER A 211 10.79 49.46 -23.24
C SER A 211 11.76 48.94 -24.29
N LYS A 212 11.31 47.93 -25.04
CA LYS A 212 12.08 47.43 -26.17
C LYS A 212 11.87 48.34 -27.37
N TRP A 213 12.80 48.31 -28.31
CA TRP A 213 12.71 49.17 -29.49
C TRP A 213 11.73 48.60 -30.51
N SER A 214 11.13 49.50 -31.29
CA SER A 214 10.15 49.12 -32.31
C SER A 214 10.36 49.90 -33.59
N ASP B 1 36.04 28.15 -9.40
CA ASP B 1 35.92 29.13 -8.32
C ASP B 1 34.63 29.93 -8.46
N GLU B 2 34.43 30.52 -9.64
CA GLU B 2 33.24 31.29 -9.93
C GLU B 2 32.46 30.68 -11.10
N ALA B 3 31.94 29.48 -10.88
CA ALA B 3 31.03 28.86 -11.84
C ALA B 3 29.61 29.35 -11.59
N GLN B 4 29.44 30.12 -10.52
CA GLN B 4 28.12 30.64 -10.16
C GLN B 4 27.55 31.53 -11.27
N PRO B 5 26.21 31.66 -11.32
CA PRO B 5 25.57 32.55 -12.29
C PRO B 5 25.66 34.01 -11.89
N GLN B 6 25.68 34.92 -12.88
CA GLN B 6 25.71 36.35 -12.61
C GLN B 6 24.57 37.05 -13.33
N ASN B 7 24.43 38.35 -13.05
CA ASN B 7 23.42 39.19 -13.70
C ASN B 7 22.00 38.69 -13.46
N LEU B 8 21.66 38.51 -12.19
CA LEU B 8 20.27 38.19 -11.82
C LEU B 8 19.42 39.44 -12.01
N GLU B 9 18.83 39.57 -13.20
CA GLU B 9 18.10 40.78 -13.57
C GLU B 9 16.62 40.51 -13.76
N CYS B 10 15.78 41.34 -13.12
CA CYS B 10 14.34 41.16 -13.17
C CYS B 10 13.62 42.48 -13.46
N PHE B 11 12.43 42.38 -14.04
CA PHE B 11 11.63 43.55 -14.37
C PHE B 11 10.14 43.21 -14.38
N PHE B 12 9.32 44.17 -13.96
CA PHE B 12 7.87 44.01 -13.91
C PHE B 12 7.22 44.63 -15.14
N ASP B 13 6.36 43.87 -15.81
CA ASP B 13 5.77 44.31 -17.06
C ASP B 13 4.76 45.45 -16.87
N GLY B 14 4.33 45.65 -15.63
CA GLY B 14 3.37 46.70 -15.32
C GLY B 14 1.94 46.25 -15.55
N ALA B 15 1.64 45.04 -15.13
CA ALA B 15 0.29 44.50 -15.25
C ALA B 15 0.01 43.49 -14.14
N ALA B 16 0.55 42.29 -14.30
CA ALA B 16 0.40 41.24 -13.30
C ALA B 16 1.42 40.12 -13.51
N VAL B 17 2.53 40.46 -14.16
CA VAL B 17 3.56 39.47 -14.49
C VAL B 17 4.96 40.06 -14.38
N LEU B 18 5.71 39.64 -13.37
CA LEU B 18 7.12 39.97 -13.29
C LEU B 18 7.88 38.97 -14.15
N SER B 19 9.03 39.39 -14.66
CA SER B 19 9.87 38.50 -15.46
C SER B 19 11.34 38.73 -15.14
N CYS B 20 12.05 37.64 -14.89
CA CYS B 20 13.45 37.70 -14.49
C CYS B 20 14.32 36.80 -15.35
N SER B 21 15.62 37.05 -15.34
CA SER B 21 16.56 36.28 -16.13
C SER B 21 17.98 36.38 -15.57
N TRP B 22 18.80 35.38 -15.90
CA TRP B 22 20.17 35.32 -15.43
C TRP B 22 21.05 34.53 -16.39
N GLU B 23 22.35 34.78 -16.35
CA GLU B 23 23.33 34.05 -17.16
C GLU B 23 24.06 33.01 -16.32
N VAL B 24 24.50 31.94 -16.95
CA VAL B 24 25.34 30.94 -16.29
C VAL B 24 26.19 30.21 -17.31
N ARG B 25 27.39 29.79 -16.89
CA ARG B 25 28.29 29.05 -17.77
C ARG B 25 27.61 27.79 -18.30
N LYS B 26 27.90 27.45 -19.55
CA LYS B 26 27.28 26.31 -20.20
C LYS B 26 27.82 24.98 -19.66
N GLU B 27 28.98 25.04 -19.02
CA GLU B 27 29.65 23.84 -18.53
C GLU B 27 29.12 23.41 -17.16
N VAL B 28 28.89 24.38 -16.28
CA VAL B 28 28.41 24.09 -14.95
C VAL B 28 26.93 23.74 -14.96
N ALA B 29 26.18 24.40 -15.82
CA ALA B 29 24.74 24.19 -15.92
C ALA B 29 24.42 22.84 -16.56
N SER B 30 25.42 22.25 -17.21
CA SER B 30 25.25 20.94 -17.83
C SER B 30 25.25 19.84 -16.77
N SER B 31 25.78 20.16 -15.60
CA SER B 31 25.88 19.20 -14.49
C SER B 31 24.78 19.41 -13.45
N VAL B 32 24.28 20.64 -13.36
CA VAL B 32 23.30 21.01 -12.35
C VAL B 32 22.14 21.81 -12.94
N SER B 33 20.92 21.36 -12.68
CA SER B 33 19.73 22.12 -13.03
C SER B 33 19.44 23.16 -11.95
N PHE B 34 18.97 24.34 -12.37
CA PHE B 34 18.64 25.41 -11.45
C PHE B 34 17.22 25.92 -11.66
N GLY B 35 16.69 26.58 -10.63
CA GLY B 35 15.35 27.13 -10.66
C GLY B 35 15.28 28.42 -9.86
N LEU B 36 14.37 29.30 -10.25
CA LEU B 36 14.25 30.61 -9.63
C LEU B 36 13.23 30.61 -8.50
N PHE B 37 13.71 30.75 -7.27
CA PHE B 37 12.84 30.84 -6.10
C PHE B 37 12.48 32.29 -5.81
N TYR B 38 11.22 32.52 -5.47
CA TYR B 38 10.73 33.87 -5.17
C TYR B 38 9.89 33.89 -3.91
N LYS B 39 10.04 34.95 -3.12
CA LYS B 39 9.31 35.13 -1.87
C LYS B 39 8.56 36.46 -1.87
N PRO B 40 7.22 36.42 -2.07
CA PRO B 40 6.38 37.62 -2.04
C PRO B 40 6.33 38.33 -0.68
N SER B 41 7.01 37.80 0.32
CA SER B 41 7.06 38.45 1.63
C SER B 41 8.21 37.88 2.46
N PRO B 42 8.79 38.70 3.35
CA PRO B 42 9.91 38.20 4.18
C PRO B 42 9.43 37.56 5.49
N GLY B 45 6.84 32.12 2.15
CA GLY B 45 6.20 30.99 1.50
C GLY B 45 7.16 30.25 0.59
N GLU B 46 7.74 30.98 -0.35
CA GLU B 46 8.73 30.42 -1.29
C GLU B 46 8.09 29.51 -2.32
N GLU B 47 8.14 29.92 -3.58
CA GLU B 47 7.65 29.12 -4.70
C GLU B 47 8.61 29.27 -5.89
N GLU B 48 8.48 28.38 -6.87
CA GLU B 48 9.33 28.42 -8.06
C GLU B 48 8.52 28.61 -9.34
N CYS B 49 9.14 29.24 -10.31
CA CYS B 49 8.51 29.50 -11.61
C CYS B 49 8.68 28.32 -12.55
N SER B 50 7.80 28.24 -13.54
CA SER B 50 7.86 27.17 -14.53
C SER B 50 6.88 27.44 -15.68
N PRO B 51 7.28 27.13 -16.93
CA PRO B 51 8.57 26.57 -17.36
C PRO B 51 9.58 27.67 -17.68
N VAL B 52 10.86 27.39 -17.45
CA VAL B 52 11.92 28.36 -17.68
C VAL B 52 12.56 28.16 -19.05
N LEU B 53 12.92 29.27 -19.69
CA LEU B 53 13.50 29.22 -21.03
C LEU B 53 15.02 29.07 -20.98
N ARG B 54 15.62 28.83 -22.13
CA ARG B 54 17.07 28.68 -22.24
C ARG B 54 17.55 28.96 -23.66
N GLU B 55 18.71 29.58 -23.78
CA GLU B 55 19.29 29.93 -25.07
C GLU B 55 20.81 29.94 -25.01
N SER B 59 27.63 31.58 -26.42
CA SER B 59 28.07 30.21 -26.63
C SER B 59 28.65 29.62 -25.36
N LEU B 60 29.61 30.33 -24.78
CA LEU B 60 30.25 29.88 -23.54
C LEU B 60 29.32 30.05 -22.35
N HIS B 61 28.40 31.01 -22.46
CA HIS B 61 27.42 31.26 -21.42
C HIS B 61 26.05 30.73 -21.83
N THR B 62 25.11 30.76 -20.89
CA THR B 62 23.73 30.36 -21.15
C THR B 62 22.79 31.22 -20.33
N ARG B 63 21.85 31.88 -21.02
CA ARG B 63 20.88 32.76 -20.37
C ARG B 63 19.56 32.05 -20.14
N HIS B 64 19.09 32.08 -18.90
CA HIS B 64 17.79 31.52 -18.54
C HIS B 64 16.85 32.63 -18.08
N HIS B 65 15.61 32.59 -18.55
CA HIS B 65 14.62 33.61 -18.23
C HIS B 65 13.27 32.99 -17.91
N CYS B 66 12.50 33.66 -17.06
CA CYS B 66 11.18 33.18 -16.65
C CYS B 66 10.26 34.34 -16.30
N GLN B 67 8.95 34.12 -16.48
CA GLN B 67 7.95 35.13 -16.20
C GLN B 67 7.05 34.73 -15.03
N ILE B 68 7.23 35.39 -13.89
CA ILE B 68 6.47 35.09 -12.68
C ILE B 68 5.21 35.95 -12.58
N PRO B 69 4.03 35.31 -12.47
CA PRO B 69 2.81 36.07 -12.19
C PRO B 69 2.83 36.74 -10.81
N VAL B 70 2.59 38.04 -10.79
CA VAL B 70 2.51 38.80 -9.54
C VAL B 70 1.20 39.60 -9.51
N PRO B 71 0.17 39.07 -8.82
CA PRO B 71 -1.12 39.76 -8.81
C PRO B 71 -1.14 41.02 -7.94
N ASP B 72 -0.03 41.31 -7.26
CA ASP B 72 0.02 42.47 -6.38
C ASP B 72 1.44 43.04 -6.31
N HIS B 76 2.01 42.45 -1.31
CA HIS B 76 3.34 42.42 -1.93
C HIS B 76 4.15 43.64 -1.51
N GLY B 77 5.39 43.70 -1.99
CA GLY B 77 6.29 44.80 -1.66
C GLY B 77 7.74 44.42 -1.92
N GLN B 78 8.51 44.25 -0.85
CA GLN B 78 9.88 43.76 -0.97
C GLN B 78 9.88 42.26 -1.23
N TYR B 79 10.55 41.85 -2.31
CA TYR B 79 10.58 40.45 -2.74
C TYR B 79 11.91 39.78 -2.42
N ILE B 80 11.84 38.49 -2.14
CA ILE B 80 13.04 37.67 -1.92
C ILE B 80 13.28 36.73 -3.10
N VAL B 81 14.27 37.05 -3.91
CA VAL B 81 14.58 36.28 -5.12
C VAL B 81 15.84 35.44 -4.94
N SER B 82 15.85 34.25 -5.52
CA SER B 82 17.01 33.36 -5.44
C SER B 82 17.05 32.34 -6.57
N VAL B 83 18.23 31.76 -6.78
CA VAL B 83 18.42 30.69 -7.75
C VAL B 83 18.97 29.45 -7.05
N GLN B 84 18.23 28.34 -7.13
CA GLN B 84 18.60 27.12 -6.44
C GLN B 84 18.26 25.87 -7.26
N PRO B 85 18.96 24.76 -6.97
CA PRO B 85 18.64 23.49 -7.67
C PRO B 85 17.33 22.87 -7.19
N ILE B 92 13.91 5.46 -8.30
CA ILE B 92 13.93 4.29 -9.18
C ILE B 92 13.28 3.09 -8.51
N LYS B 93 12.36 2.44 -9.22
CA LYS B 93 11.68 1.26 -8.70
C LYS B 93 12.62 0.06 -8.69
N SER B 94 12.64 -0.67 -7.57
CA SER B 94 13.56 -1.79 -7.41
C SER B 94 13.16 -2.99 -8.26
N SER B 95 11.86 -3.30 -8.27
CA SER B 95 11.36 -4.48 -8.95
C SER B 95 11.68 -4.49 -10.44
N VAL B 96 11.54 -3.33 -11.08
CA VAL B 96 11.72 -3.23 -12.53
C VAL B 96 13.17 -2.92 -12.91
N ASN B 97 14.03 -2.75 -11.92
CA ASN B 97 15.46 -2.55 -12.15
C ASN B 97 16.28 -3.56 -11.35
N ILE B 98 16.36 -4.77 -11.88
CA ILE B 98 17.15 -5.84 -11.25
C ILE B 98 18.21 -6.36 -12.20
N GLN B 99 19.44 -6.46 -11.68
CA GLN B 99 20.54 -7.08 -12.39
C GLN B 99 21.24 -8.07 -11.48
N MET B 100 20.79 -9.31 -11.51
CA MET B 100 21.33 -10.36 -10.65
C MET B 100 22.82 -10.54 -10.89
N ALA B 101 23.53 -11.06 -9.89
CA ALA B 101 24.96 -11.30 -10.01
C ALA B 101 25.23 -12.50 -10.92
N PRO B 102 26.41 -12.55 -11.54
CA PRO B 102 26.74 -13.68 -12.41
C PRO B 102 26.81 -15.00 -11.64
N PRO B 103 26.47 -16.12 -12.30
CA PRO B 103 26.45 -17.42 -11.61
C PRO B 103 27.84 -18.07 -11.53
N SER B 104 28.01 -18.97 -10.56
CA SER B 104 29.23 -19.76 -10.46
C SER B 104 29.08 -20.99 -11.35
N LEU B 105 29.95 -21.10 -12.36
CA LEU B 105 29.80 -22.12 -13.39
C LEU B 105 30.91 -23.18 -13.33
N GLN B 106 30.51 -24.44 -13.34
CA GLN B 106 31.43 -25.57 -13.42
C GLN B 106 31.01 -26.47 -14.58
N VAL B 107 31.85 -27.46 -14.91
CA VAL B 107 31.56 -28.38 -15.98
C VAL B 107 31.90 -29.81 -15.56
N THR B 108 30.92 -30.70 -15.69
CA THR B 108 31.09 -32.10 -15.31
C THR B 108 30.69 -33.01 -16.48
N LYS B 109 31.25 -34.21 -16.49
CA LYS B 109 30.84 -35.23 -17.46
C LYS B 109 30.74 -36.61 -16.81
N ASP B 110 29.53 -37.14 -16.76
CA ASP B 110 29.30 -38.50 -16.27
C ASP B 110 29.70 -39.50 -17.34
N GLY B 111 30.84 -40.17 -17.13
CA GLY B 111 31.35 -41.12 -18.11
C GLY B 111 32.23 -40.45 -19.14
N SER B 113 28.92 -38.94 -20.93
CA SER B 113 28.05 -37.83 -21.28
C SER B 113 28.38 -36.59 -20.45
N TYR B 114 28.30 -35.43 -21.07
CA TYR B 114 28.64 -34.17 -20.43
C TYR B 114 27.40 -33.48 -19.85
N SER B 115 27.50 -33.06 -18.59
CA SER B 115 26.40 -32.37 -17.91
C SER B 115 26.90 -31.09 -17.23
N LEU B 116 26.36 -29.96 -17.66
CA LEU B 116 26.78 -28.65 -17.14
C LEU B 116 26.07 -28.29 -15.85
N ARG B 117 26.79 -27.61 -14.96
CA ARG B 117 26.27 -27.25 -13.64
C ARG B 117 26.72 -25.86 -13.20
N TRP B 118 25.79 -25.12 -12.58
CA TRP B 118 26.08 -23.77 -12.12
C TRP B 118 25.24 -23.44 -10.89
N GLU B 119 25.69 -22.45 -10.12
CA GLU B 119 24.96 -22.01 -8.92
C GLU B 119 24.82 -20.49 -8.85
N THR B 120 23.78 -20.06 -8.13
CA THR B 120 23.41 -18.65 -8.03
C THR B 120 23.29 -18.22 -6.57
N MET B 121 23.41 -16.92 -6.33
CA MET B 121 23.18 -16.37 -5.00
C MET B 121 21.74 -16.62 -4.57
N LYS B 122 21.58 -17.14 -3.37
CA LYS B 122 20.25 -17.48 -2.84
C LYS B 122 19.36 -16.25 -2.69
N MET B 123 18.28 -16.22 -3.46
CA MET B 123 17.26 -15.19 -3.31
C MET B 123 16.36 -15.54 -2.13
N ARG B 124 16.34 -14.67 -1.11
CA ARG B 124 15.58 -14.96 0.11
C ARG B 124 14.08 -15.11 -0.15
N TYR B 125 13.64 -14.68 -1.32
CA TYR B 125 12.30 -14.98 -1.80
C TYR B 125 12.41 -16.07 -2.86
N GLU B 126 12.54 -17.31 -2.39
CA GLU B 126 12.86 -18.45 -3.23
C GLU B 126 11.92 -18.64 -4.44
N HIS B 127 10.70 -18.16 -4.32
CA HIS B 127 9.68 -18.42 -5.34
C HIS B 127 9.95 -17.70 -6.66
N ILE B 128 10.90 -16.78 -6.66
CA ILE B 128 11.24 -16.03 -7.87
C ILE B 128 11.80 -16.95 -8.94
N ASP B 129 11.08 -17.08 -10.05
CA ASP B 129 11.53 -17.88 -11.18
C ASP B 129 12.75 -17.25 -11.82
N HIS B 130 13.77 -18.08 -12.08
CA HIS B 130 15.01 -17.62 -12.68
C HIS B 130 15.12 -18.05 -14.14
N THR B 131 15.29 -17.07 -15.03
CA THR B 131 15.44 -17.34 -16.45
C THR B 131 16.91 -17.43 -16.83
N PHE B 132 17.36 -18.64 -17.18
CA PHE B 132 18.75 -18.86 -17.54
C PHE B 132 18.91 -19.01 -19.05
N GLU B 133 19.85 -18.24 -19.59
CA GLU B 133 20.24 -18.36 -20.99
C GLU B 133 21.67 -18.87 -21.07
N ILE B 134 21.87 -19.98 -21.78
CA ILE B 134 23.19 -20.59 -21.89
C ILE B 134 23.63 -20.70 -23.33
N GLN B 135 24.94 -20.85 -23.54
CA GLN B 135 25.46 -21.12 -24.88
C GLN B 135 26.82 -21.77 -24.85
N TYR B 136 26.95 -22.84 -25.64
CA TYR B 136 28.22 -23.52 -25.84
C TYR B 136 28.77 -23.16 -27.21
N ARG B 137 30.10 -23.16 -27.34
CA ARG B 137 30.75 -22.73 -28.57
C ARG B 137 31.79 -23.73 -29.05
N LYS B 138 31.94 -23.84 -30.36
CA LYS B 138 33.07 -24.54 -30.95
C LYS B 138 34.20 -23.53 -31.11
N ASP B 139 35.37 -23.86 -30.55
CA ASP B 139 36.48 -22.92 -30.45
C ASP B 139 36.80 -22.20 -31.75
N THR B 140 36.42 -22.79 -32.88
CA THR B 140 36.65 -22.20 -34.18
C THR B 140 35.37 -21.55 -34.72
N ALA B 141 34.73 -20.73 -33.89
CA ALA B 141 33.50 -20.06 -34.28
C ALA B 141 33.24 -18.82 -33.42
N THR B 142 32.20 -18.07 -33.78
CA THR B 142 31.85 -16.85 -33.07
C THR B 142 30.66 -17.07 -32.14
N TRP B 143 30.57 -16.27 -31.08
CA TRP B 143 29.46 -16.33 -30.15
C TRP B 143 28.20 -15.77 -30.80
N LYS B 144 28.37 -14.95 -31.82
CA LYS B 144 27.24 -14.38 -32.56
C LYS B 144 26.37 -15.50 -33.11
N ASP B 145 27.01 -16.50 -33.73
CA ASP B 145 26.32 -17.69 -34.21
C ASP B 145 26.66 -18.88 -33.32
N SER B 146 26.00 -18.95 -32.17
CA SER B 146 26.22 -20.03 -31.21
C SER B 146 24.89 -20.53 -30.65
N LYS B 147 24.86 -21.82 -30.31
CA LYS B 147 23.67 -22.42 -29.72
C LYS B 147 23.22 -21.66 -28.49
N THR B 148 22.01 -21.09 -28.54
CA THR B 148 21.49 -20.29 -27.45
C THR B 148 20.25 -20.95 -26.85
N GLU B 149 20.46 -21.85 -25.90
CA GLU B 149 19.37 -22.54 -25.23
C GLU B 149 18.89 -21.77 -24.01
N THR B 150 17.57 -21.77 -23.83
CA THR B 150 16.91 -21.09 -22.73
C THR B 150 16.47 -22.10 -21.67
N LEU B 151 16.35 -21.66 -20.43
CA LEU B 151 15.75 -22.50 -19.38
C LEU B 151 15.02 -21.69 -18.31
N GLN B 152 13.83 -22.15 -17.97
CA GLN B 152 13.02 -21.56 -16.91
C GLN B 152 13.28 -22.27 -15.59
N ASN B 153 14.22 -21.72 -14.82
CA ASN B 153 14.59 -22.22 -13.49
C ASN B 153 15.23 -23.61 -13.51
N ALA B 154 16.46 -23.67 -13.00
CA ALA B 154 17.22 -24.91 -12.87
C ALA B 154 18.60 -24.59 -12.32
N HIS B 155 19.42 -25.62 -12.11
CA HIS B 155 20.79 -25.44 -11.64
C HIS B 155 21.71 -26.51 -12.24
N SER B 156 21.26 -27.11 -13.34
CA SER B 156 22.04 -28.12 -14.05
C SER B 156 21.38 -28.45 -15.38
N MET B 157 22.19 -28.66 -16.41
CA MET B 157 21.69 -28.98 -17.75
C MET B 157 22.54 -30.06 -18.39
N ALA B 158 21.89 -31.08 -18.93
CA ALA B 158 22.57 -32.19 -19.59
C ALA B 158 22.84 -31.88 -21.05
N LEU B 159 24.10 -32.03 -21.45
CA LEU B 159 24.50 -31.78 -22.83
C LEU B 159 24.52 -33.09 -23.63
N PRO B 160 24.36 -32.99 -24.97
CA PRO B 160 24.38 -34.16 -25.84
C PRO B 160 25.80 -34.64 -26.16
N ALA B 161 25.92 -35.57 -27.10
CA ALA B 161 27.22 -36.02 -27.59
C ALA B 161 27.78 -34.99 -28.56
N LEU B 162 29.08 -35.07 -28.83
CA LEU B 162 29.75 -34.10 -29.69
C LEU B 162 30.93 -34.74 -30.42
N GLU B 163 31.69 -33.93 -31.14
CA GLU B 163 32.87 -34.40 -31.85
C GLU B 163 33.91 -34.87 -30.84
N PRO B 164 34.44 -36.10 -31.00
CA PRO B 164 35.25 -36.73 -29.96
C PRO B 164 36.70 -36.22 -29.84
N SER B 165 37.01 -35.06 -30.41
CA SER B 165 38.38 -34.53 -30.34
C SER B 165 38.47 -33.02 -30.49
N THR B 166 37.32 -32.33 -30.53
CA THR B 166 37.31 -30.88 -30.70
C THR B 166 37.22 -30.18 -29.35
N ARG B 167 37.76 -28.96 -29.30
CA ARG B 167 37.70 -28.13 -28.10
C ARG B 167 36.47 -27.23 -28.14
N TYR B 168 35.73 -27.17 -27.04
CA TYR B 168 34.50 -26.39 -26.98
C TYR B 168 34.42 -25.52 -25.72
N TRP B 169 33.81 -24.35 -25.87
CA TRP B 169 33.60 -23.40 -24.79
C TRP B 169 32.16 -23.43 -24.27
N ALA B 170 31.92 -22.79 -23.13
CA ALA B 170 30.58 -22.71 -22.54
C ALA B 170 30.39 -21.41 -21.76
N ARG B 171 29.18 -20.84 -21.87
CA ARG B 171 28.85 -19.58 -21.21
C ARG B 171 27.39 -19.55 -20.74
N VAL B 172 27.11 -18.75 -19.71
CA VAL B 172 25.78 -18.66 -19.12
C VAL B 172 25.47 -17.24 -18.63
N ARG B 173 24.19 -16.89 -18.65
CA ARG B 173 23.73 -15.63 -18.04
C ARG B 173 22.31 -15.79 -17.48
N VAL B 174 22.03 -15.09 -16.38
CA VAL B 174 20.74 -15.17 -15.71
C VAL B 174 19.92 -13.90 -15.91
N ARG B 175 18.60 -14.05 -15.84
CA ARG B 175 17.70 -12.90 -15.83
C ARG B 175 16.47 -13.23 -15.00
N THR B 176 15.94 -12.22 -14.31
CA THR B 176 14.71 -12.40 -13.53
C THR B 176 13.50 -12.15 -14.42
N SER B 177 13.61 -12.55 -15.69
CA SER B 177 12.56 -12.31 -16.68
C SER B 177 11.20 -12.82 -16.21
N ARG B 178 10.64 -12.13 -15.22
CA ARG B 178 9.32 -12.45 -14.69
C ARG B 178 8.28 -11.61 -15.41
N THR B 179 7.23 -11.23 -14.69
CA THR B 179 6.16 -10.40 -15.24
C THR B 179 6.08 -9.08 -14.49
N GLY B 180 5.84 -9.16 -13.19
CA GLY B 180 5.78 -7.97 -12.36
C GLY B 180 7.15 -7.32 -12.22
N TYR B 181 8.20 -8.09 -12.50
CA TYR B 181 9.56 -7.58 -12.42
C TYR B 181 10.08 -7.14 -13.77
N ASN B 182 11.32 -6.64 -13.77
CA ASN B 182 12.01 -6.23 -14.98
C ASN B 182 13.46 -5.88 -14.64
N GLY B 183 14.27 -5.67 -15.67
CA GLY B 183 15.66 -5.29 -15.47
C GLY B 183 16.60 -5.85 -16.51
N ILE B 184 17.89 -5.61 -16.33
CA ILE B 184 18.91 -6.06 -17.25
C ILE B 184 19.43 -7.44 -16.87
N TRP B 185 19.98 -8.15 -17.85
CA TRP B 185 20.58 -9.46 -17.61
C TRP B 185 21.82 -9.34 -16.72
N SER B 186 22.28 -10.47 -16.21
CA SER B 186 23.52 -10.51 -15.45
C SER B 186 24.70 -10.61 -16.39
N GLU B 187 25.86 -10.11 -15.95
CA GLU B 187 27.08 -10.24 -16.73
C GLU B 187 27.38 -11.73 -16.93
N TRP B 188 28.03 -12.05 -18.05
CA TRP B 188 28.35 -13.44 -18.37
C TRP B 188 29.29 -14.03 -17.33
N SER B 189 29.32 -15.36 -17.26
CA SER B 189 30.26 -16.07 -16.42
C SER B 189 31.63 -16.13 -17.09
N GLU B 190 32.65 -16.45 -16.32
CA GLU B 190 33.96 -16.74 -16.91
C GLU B 190 33.83 -17.99 -17.76
N ALA B 191 34.07 -17.85 -19.07
CA ALA B 191 33.87 -18.93 -20.02
C ALA B 191 34.55 -20.23 -19.59
N ARG B 192 33.84 -21.34 -19.78
CA ARG B 192 34.36 -22.66 -19.42
C ARG B 192 34.67 -23.45 -20.69
N SER B 193 35.74 -24.25 -20.66
CA SER B 193 36.21 -24.95 -21.84
C SER B 193 36.40 -26.45 -21.59
N TRP B 194 36.36 -27.24 -22.67
CA TRP B 194 36.62 -28.67 -22.58
C TRP B 194 36.99 -29.24 -23.96
N ASP B 195 37.29 -30.53 -24.01
CA ASP B 195 37.68 -31.18 -25.27
C ASP B 195 37.12 -32.60 -25.39
N THR B 196 37.85 -33.59 -24.86
CA THR B 196 37.43 -34.97 -24.96
C THR B 196 37.98 -35.79 -23.80
N VAL C 2 6.00 -21.39 14.69
CA VAL C 2 6.16 -20.36 13.68
C VAL C 2 4.87 -19.56 13.50
N GLN C 3 4.59 -18.68 14.45
CA GLN C 3 3.40 -17.84 14.40
C GLN C 3 3.56 -16.64 15.35
N LEU C 4 3.52 -15.44 14.78
CA LEU C 4 3.76 -14.23 15.54
C LEU C 4 2.52 -13.85 16.37
N LEU C 5 2.74 -13.09 17.45
CA LEU C 5 1.67 -12.73 18.37
C LEU C 5 1.77 -11.27 18.79
N GLU C 6 0.67 -10.73 19.31
CA GLU C 6 0.57 -9.31 19.66
C GLU C 6 -0.13 -9.11 21.00
N SER C 7 -0.08 -7.88 21.49
CA SER C 7 -0.66 -7.54 22.79
C SER C 7 -0.84 -6.03 22.96
N GLY C 8 -1.63 -5.65 23.96
CA GLY C 8 -1.92 -4.26 24.24
C GLY C 8 -3.18 -3.77 23.55
N GLY C 9 -3.87 -2.83 24.18
CA GLY C 9 -5.07 -2.25 23.63
C GLY C 9 -6.33 -2.79 24.26
N GLY C 10 -7.30 -1.92 24.50
CA GLY C 10 -8.56 -2.31 25.09
C GLY C 10 -9.56 -1.17 25.10
N LEU C 11 -10.55 -1.26 25.99
CA LEU C 11 -11.57 -0.23 26.11
C LEU C 11 -10.97 1.06 26.64
N VAL C 12 -11.30 2.18 25.98
CA VAL C 12 -10.77 3.47 26.36
C VAL C 12 -11.66 4.60 25.84
N GLN C 13 -11.80 5.66 26.63
CA GLN C 13 -12.60 6.80 26.23
C GLN C 13 -11.96 7.53 25.05
N PRO C 14 -12.76 8.31 24.29
CA PRO C 14 -12.22 9.03 23.13
C PRO C 14 -11.11 10.00 23.49
N GLY C 15 -10.18 10.21 22.56
CA GLY C 15 -9.10 11.17 22.75
C GLY C 15 -7.86 10.57 23.37
N GLY C 16 -8.06 9.67 24.34
CA GLY C 16 -6.95 9.05 25.04
C GLY C 16 -6.12 8.16 24.15
N SER C 17 -4.84 8.02 24.49
CA SER C 17 -3.92 7.20 23.72
C SER C 17 -3.95 5.74 24.16
N LEU C 18 -3.20 4.90 23.46
CA LEU C 18 -3.13 3.48 23.78
C LEU C 18 -2.04 2.80 22.96
N ARG C 19 -1.11 2.14 23.65
CA ARG C 19 0.03 1.51 22.99
C ARG C 19 -0.34 0.13 22.44
N LEU C 20 0.34 -0.28 21.37
CA LEU C 20 0.16 -1.59 20.77
C LEU C 20 1.52 -2.27 20.60
N SER C 21 1.66 -3.43 21.23
CA SER C 21 2.94 -4.14 21.26
C SER C 21 2.83 -5.52 20.61
N CYS C 22 3.59 -5.73 19.54
CA CYS C 22 3.59 -7.01 18.83
C CYS C 22 4.91 -7.75 18.99
N ALA C 23 4.93 -9.01 18.56
CA ALA C 23 6.11 -9.84 18.72
C ALA C 23 6.18 -10.98 17.69
N ALA C 24 7.32 -11.07 17.01
CA ALA C 24 7.60 -12.19 16.11
C ALA C 24 7.96 -13.41 16.95
N SER C 25 8.22 -14.55 16.29
CA SER C 25 8.50 -15.77 17.02
C SER C 25 9.07 -16.91 16.17
N GLY C 26 10.31 -17.28 16.45
CA GLY C 26 10.90 -18.50 15.92
C GLY C 26 10.88 -18.67 14.41
N PHE C 27 11.17 -17.59 13.67
CA PHE C 27 11.33 -17.65 12.23
C PHE C 27 12.80 -17.45 11.86
N THR C 28 13.09 -17.54 10.57
CA THR C 28 14.35 -17.08 10.03
C THR C 28 14.13 -15.68 9.45
N PHE C 29 14.33 -14.68 10.29
CA PHE C 29 13.95 -13.30 9.97
C PHE C 29 15.14 -12.34 9.85
N PRO C 30 16.02 -12.54 8.86
CA PRO C 30 17.02 -11.50 8.57
C PRO C 30 16.91 -10.88 7.17
N TRP C 31 16.05 -9.86 6.96
CA TRP C 31 15.14 -9.33 7.96
C TRP C 31 13.93 -8.73 7.24
N TYR C 32 12.75 -9.35 7.39
CA TYR C 32 11.56 -8.98 6.63
C TYR C 32 10.73 -7.87 7.28
N ARG C 33 9.84 -7.25 6.51
CA ARG C 33 9.03 -6.13 6.98
C ARG C 33 7.63 -6.60 7.43
N VAL C 34 7.06 -5.87 8.39
CA VAL C 34 5.75 -6.20 8.96
C VAL C 34 4.82 -5.00 8.96
N HIS C 35 3.57 -5.21 8.53
CA HIS C 35 2.55 -4.17 8.51
C HIS C 35 1.48 -4.39 9.58
N TRP C 36 0.79 -3.30 9.91
CA TRP C 36 -0.45 -3.37 10.68
C TRP C 36 -1.63 -3.23 9.72
N VAL C 37 -2.68 -4.01 9.97
CA VAL C 37 -3.94 -3.86 9.24
C VAL C 37 -5.10 -3.93 10.23
N ARG C 38 -6.26 -3.44 9.80
CA ARG C 38 -7.38 -3.23 10.71
C ARG C 38 -8.64 -3.97 10.27
N GLN C 39 -9.34 -4.53 11.25
CA GLN C 39 -10.61 -5.21 11.03
C GLN C 39 -11.69 -4.55 11.87
N ALA C 40 -12.56 -3.80 11.20
CA ALA C 40 -13.68 -3.16 11.87
C ALA C 40 -14.74 -4.21 12.22
N PRO C 41 -15.48 -4.00 13.32
CA PRO C 41 -16.40 -5.03 13.81
C PRO C 41 -17.49 -5.40 12.81
N GLY C 42 -17.47 -6.64 12.33
CA GLY C 42 -18.45 -7.12 11.39
C GLY C 42 -18.47 -6.30 10.11
N LYS C 43 -17.30 -5.86 9.67
CA LYS C 43 -17.17 -5.00 8.49
C LYS C 43 -15.97 -5.43 7.64
N GLY C 44 -15.65 -4.63 6.63
CA GLY C 44 -14.56 -4.94 5.73
C GLY C 44 -13.19 -4.78 6.36
N LEU C 45 -12.17 -4.76 5.51
CA LEU C 45 -10.78 -4.68 5.96
C LEU C 45 -10.15 -3.35 5.53
N GLU C 46 -9.50 -2.68 6.49
CA GLU C 46 -8.95 -1.35 6.26
C GLU C 46 -7.46 -1.30 6.63
N TRP C 47 -6.64 -0.83 5.69
CA TRP C 47 -5.20 -0.73 5.90
C TRP C 47 -4.87 0.51 6.72
N VAL C 48 -3.73 0.49 7.42
CA VAL C 48 -3.35 1.60 8.30
C VAL C 48 -1.91 2.06 8.13
N SER C 49 -0.94 1.16 8.24
CA SER C 49 0.46 1.61 8.29
C SER C 49 1.51 0.53 8.00
N SER C 50 2.76 0.99 7.88
CA SER C 50 3.89 0.12 7.61
C SER C 50 5.22 0.89 7.69
N ILE C 51 6.01 0.59 8.74
CA ILE C 51 7.36 1.16 8.84
C ILE C 51 8.30 0.35 7.97
N ARG C 52 9.61 0.52 8.15
CA ARG C 52 10.57 -0.24 7.37
C ARG C 52 12.00 -0.23 7.91
N SER C 53 12.47 -1.41 8.30
CA SER C 53 13.88 -1.64 8.64
C SER C 53 14.45 -0.63 9.63
N SER C 54 14.95 0.49 9.12
CA SER C 54 15.65 1.48 9.94
C SER C 54 14.74 2.63 10.34
N GLY C 55 13.45 2.35 10.47
CA GLY C 55 12.47 3.37 10.80
C GLY C 55 12.48 4.48 9.76
N GLY C 56 12.71 4.09 8.50
CA GLY C 56 12.86 5.06 7.42
C GLY C 56 11.57 5.69 6.95
N PHE C 57 10.74 4.89 6.28
CA PHE C 57 9.51 5.40 5.67
C PHE C 57 8.26 5.05 6.47
N PRO C 58 7.64 6.06 7.12
CA PRO C 58 6.32 5.85 7.72
C PRO C 58 5.18 6.11 6.74
N TYR C 59 4.22 5.21 6.68
CA TYR C 59 3.05 5.35 5.80
C TYR C 59 1.77 5.31 6.63
N TYR C 60 0.87 6.27 6.38
CA TYR C 60 -0.42 6.33 7.06
C TYR C 60 -1.55 6.34 6.03
N ASN C 61 -2.75 6.76 6.43
CA ASN C 61 -3.88 6.83 5.52
C ASN C 61 -5.04 7.65 6.09
N TYR C 62 -5.47 8.65 5.33
CA TYR C 62 -6.60 9.51 5.70
C TYR C 62 -6.53 10.01 7.15
N LYS C 63 -7.47 9.55 7.98
CA LYS C 63 -7.55 9.93 9.39
C LYS C 63 -6.23 9.76 10.13
N VAL C 64 -5.54 8.66 9.85
CA VAL C 64 -4.36 8.26 10.62
C VAL C 64 -3.29 9.35 10.61
N LYS C 65 -3.22 10.10 9.52
CA LYS C 65 -2.29 11.22 9.43
C LYS C 65 -2.63 12.27 10.48
N GLY C 66 -1.66 12.55 11.37
CA GLY C 66 -1.89 13.46 12.47
C GLY C 66 -2.60 12.77 13.62
N ARG C 67 -2.21 11.52 13.87
CA ARG C 67 -2.82 10.72 14.92
C ARG C 67 -1.90 9.60 15.39
N PHE C 68 -1.70 8.59 14.55
CA PHE C 68 -0.90 7.42 14.90
C PHE C 68 0.55 7.58 14.47
N THR C 69 1.43 6.76 15.04
CA THR C 69 2.85 6.80 14.71
C THR C 69 3.48 5.42 14.73
N ILE C 70 4.01 4.99 13.59
CA ILE C 70 4.73 3.72 13.50
C ILE C 70 6.10 3.88 14.13
N SER C 71 6.73 2.75 14.46
CA SER C 71 8.09 2.75 14.99
C SER C 71 8.78 1.43 14.69
N ARG C 72 10.07 1.49 14.40
CA ARG C 72 10.85 0.29 14.12
C ARG C 72 11.53 -0.21 15.38
N ASP C 73 11.75 -1.52 15.46
CA ASP C 73 12.50 -2.13 16.55
C ASP C 73 13.08 -3.47 16.12
N ASN C 74 13.94 -3.40 15.12
CA ASN C 74 14.67 -4.57 14.63
C ASN C 74 15.57 -5.20 15.69
N SER C 75 15.73 -4.51 16.82
CA SER C 75 16.57 -4.98 17.91
C SER C 75 16.15 -6.37 18.39
N LYS C 76 15.04 -6.43 19.14
CA LYS C 76 14.55 -7.67 19.71
C LYS C 76 13.28 -8.15 19.01
N ASN C 77 13.15 -7.78 17.74
CA ASN C 77 11.99 -8.19 16.94
C ASN C 77 10.67 -7.73 17.58
N THR C 78 10.39 -6.43 17.48
CA THR C 78 9.24 -5.85 18.18
C THR C 78 8.65 -4.64 17.47
N LEU C 79 7.77 -4.87 16.49
CA LEU C 79 7.06 -3.77 15.87
C LEU C 79 6.00 -3.25 16.82
N TYR C 80 6.07 -1.96 17.15
CA TYR C 80 5.12 -1.34 18.06
C TYR C 80 4.31 -0.27 17.34
N LEU C 81 3.16 0.08 17.91
CA LEU C 81 2.30 1.12 17.35
C LEU C 81 1.73 1.99 18.47
N GLN C 82 1.62 3.29 18.20
CA GLN C 82 1.09 4.24 19.18
C GLN C 82 0.21 5.29 18.51
N MET C 83 -0.98 5.48 19.06
CA MET C 83 -1.91 6.49 18.59
C MET C 83 -2.38 7.34 19.75
N ASN C 84 -2.47 8.65 19.53
CA ASN C 84 -2.89 9.58 20.56
C ASN C 84 -4.39 9.83 20.52
N SER C 85 -4.81 10.72 19.63
CA SER C 85 -6.23 11.02 19.45
C SER C 85 -6.94 9.83 18.83
N LEU C 86 -8.04 9.41 19.44
CA LEU C 86 -8.80 8.26 18.99
C LEU C 86 -10.31 8.50 19.12
N ARG C 87 -11.05 8.09 18.09
CA ARG C 87 -12.49 8.19 18.08
C ARG C 87 -13.11 6.94 17.49
N ALA C 88 -14.45 6.87 17.50
CA ALA C 88 -15.16 5.66 17.09
C ALA C 88 -15.17 5.45 15.57
N GLU C 89 -14.16 5.99 14.89
CA GLU C 89 -13.85 5.59 13.52
C GLU C 89 -12.93 4.38 13.58
N ASP C 90 -12.22 4.26 14.70
CA ASP C 90 -11.20 3.22 14.88
C ASP C 90 -11.65 2.11 15.82
N THR C 91 -12.89 2.20 16.31
CA THR C 91 -13.44 1.15 17.17
C THR C 91 -13.41 -0.18 16.45
N ALA C 92 -12.24 -0.80 16.44
CA ALA C 92 -12.00 -2.00 15.64
C ALA C 92 -10.95 -2.88 16.29
N VAL C 93 -10.66 -4.02 15.67
CA VAL C 93 -9.60 -4.90 16.14
C VAL C 93 -8.43 -4.79 15.16
N TYR C 94 -7.21 -4.97 15.65
CA TYR C 94 -6.02 -4.72 14.84
C TYR C 94 -5.19 -5.97 14.61
N TYR C 95 -4.98 -6.31 13.34
CA TYR C 95 -4.20 -7.47 12.94
C TYR C 95 -2.78 -7.06 12.59
N CYS C 96 -1.81 -7.80 13.13
CA CYS C 96 -0.42 -7.66 12.70
C CYS C 96 -0.14 -8.67 11.60
N ALA C 97 0.54 -8.25 10.54
CA ALA C 97 0.79 -9.14 9.41
C ALA C 97 2.13 -8.88 8.73
N ARG C 98 2.86 -9.96 8.47
CA ARG C 98 4.11 -9.89 7.72
C ARG C 98 3.80 -9.47 6.29
N PHE C 99 4.78 -8.88 5.60
CA PHE C 99 4.61 -8.47 4.21
C PHE C 99 5.65 -9.13 3.31
N TYR C 100 5.43 -10.42 3.07
CA TYR C 100 6.34 -11.21 2.24
C TYR C 100 6.27 -10.74 0.79
N ASP C 101 7.12 -9.77 0.47
CA ASP C 101 7.16 -9.18 -0.86
C ASP C 101 5.81 -8.51 -1.19
N SER C 102 5.11 -8.99 -2.21
CA SER C 102 3.89 -8.32 -2.67
C SER C 102 2.65 -8.77 -1.92
N PHE C 103 2.84 -9.62 -0.90
CA PHE C 103 1.71 -10.16 -0.15
C PHE C 103 2.07 -10.51 1.28
N PHE C 104 1.04 -10.66 2.11
CA PHE C 104 1.21 -11.03 3.50
C PHE C 104 1.17 -12.56 3.63
N ASP C 105 1.68 -13.08 4.75
CA ASP C 105 1.74 -14.52 4.94
C ASP C 105 1.65 -14.88 6.43
N ILE C 106 2.55 -14.31 7.22
CA ILE C 106 2.52 -14.50 8.67
C ILE C 106 1.49 -13.58 9.29
N TRP C 107 0.53 -14.16 10.01
CA TRP C 107 -0.57 -13.41 10.60
C TRP C 107 -0.67 -13.59 12.10
N GLY C 108 -1.26 -12.60 12.77
CA GLY C 108 -1.48 -12.63 14.20
C GLY C 108 -2.95 -12.73 14.53
N GLN C 109 -3.25 -13.01 15.80
CA GLN C 109 -4.62 -13.12 16.26
C GLN C 109 -5.26 -11.73 16.34
N GLY C 110 -4.45 -10.74 16.69
CA GLY C 110 -4.90 -9.37 16.78
C GLY C 110 -5.45 -9.04 18.16
N THR C 111 -5.86 -7.78 18.34
CA THR C 111 -6.44 -7.33 19.60
C THR C 111 -7.53 -6.31 19.32
N MET C 112 -8.59 -6.34 20.14
CA MET C 112 -9.69 -5.41 20.01
C MET C 112 -9.35 -4.07 20.67
N VAL C 113 -9.72 -2.99 20.00
CA VAL C 113 -9.49 -1.64 20.50
C VAL C 113 -10.82 -0.88 20.49
N THR C 114 -11.72 -1.30 21.36
CA THR C 114 -13.07 -0.75 21.40
C THR C 114 -13.11 0.61 22.10
N VAL C 115 -12.84 1.67 21.35
CA VAL C 115 -12.86 3.01 21.90
C VAL C 115 -14.29 3.41 22.30
N SER C 116 -14.44 3.78 23.57
CA SER C 116 -15.74 4.21 24.12
C SER C 116 -15.58 4.58 25.58
N SER C 117 -16.38 5.55 26.03
CA SER C 117 -16.31 6.04 27.41
C SER C 117 -17.37 5.38 28.29
N ALA C 118 -17.08 4.19 28.78
CA ALA C 118 -17.97 3.48 29.68
C ALA C 118 -17.25 2.34 30.40
N SER C 119 -17.82 1.88 31.49
CA SER C 119 -17.21 0.84 32.31
C SER C 119 -17.71 -0.55 31.91
N THR C 120 -17.51 -1.52 32.79
CA THR C 120 -17.94 -2.90 32.53
C THR C 120 -18.44 -3.60 33.80
N LYS C 121 -19.76 -3.72 33.92
CA LYS C 121 -20.36 -4.48 35.01
C LYS C 121 -20.25 -5.97 34.69
N GLY C 122 -19.93 -6.76 35.71
CA GLY C 122 -19.76 -8.20 35.52
C GLY C 122 -21.05 -8.88 35.10
N PRO C 123 -20.97 -9.81 34.14
CA PRO C 123 -22.17 -10.52 33.70
C PRO C 123 -22.70 -11.50 34.76
N SER C 124 -23.79 -12.18 34.43
CA SER C 124 -24.37 -13.18 35.32
C SER C 124 -24.88 -14.35 34.50
N VAL C 125 -24.05 -15.37 34.34
CA VAL C 125 -24.37 -16.53 33.51
C VAL C 125 -25.66 -17.21 33.98
N PHE C 126 -26.62 -17.34 33.07
CA PHE C 126 -27.90 -17.97 33.36
C PHE C 126 -28.11 -19.20 32.47
N PRO C 127 -28.51 -20.34 33.07
CA PRO C 127 -28.66 -21.57 32.29
C PRO C 127 -29.97 -21.63 31.51
N LEU C 128 -30.26 -22.79 30.93
CA LEU C 128 -31.48 -23.00 30.16
C LEU C 128 -31.85 -24.48 30.14
N ALA C 129 -32.91 -24.82 30.87
CA ALA C 129 -33.40 -26.20 30.93
C ALA C 129 -34.67 -26.35 30.10
N THR C 139 -33.00 -37.38 22.74
CA THR C 139 -32.65 -36.20 21.95
C THR C 139 -33.16 -34.92 22.61
N ALA C 140 -32.31 -34.30 23.42
CA ALA C 140 -32.66 -33.06 24.11
C ALA C 140 -31.54 -32.04 23.95
N ALA C 141 -31.58 -30.98 24.76
CA ALA C 141 -30.60 -29.90 24.65
C ALA C 141 -30.39 -29.18 25.98
N LEU C 142 -29.34 -28.36 26.03
CA LEU C 142 -29.03 -27.55 27.20
C LEU C 142 -28.06 -26.44 26.80
N GLY C 143 -28.17 -25.29 27.44
CA GLY C 143 -27.38 -24.13 27.05
C GLY C 143 -26.88 -23.25 28.17
N CYS C 144 -26.40 -22.07 27.79
CA CYS C 144 -25.77 -21.12 28.72
C CYS C 144 -25.87 -19.73 28.12
N LEU C 145 -26.46 -18.81 28.88
CA LEU C 145 -26.69 -17.44 28.42
C LEU C 145 -26.00 -16.43 29.33
N VAL C 146 -25.76 -15.24 28.80
CA VAL C 146 -25.07 -14.18 29.51
C VAL C 146 -25.74 -12.83 29.27
N LYS C 147 -25.27 -11.81 29.98
CA LYS C 147 -25.83 -10.46 29.84
C LYS C 147 -24.82 -9.41 30.28
N ASP C 148 -24.87 -8.25 29.63
CA ASP C 148 -23.97 -7.14 29.95
C ASP C 148 -22.52 -7.45 29.60
N TYR C 149 -22.32 -8.12 28.47
CA TYR C 149 -20.98 -8.46 28.00
C TYR C 149 -20.26 -7.23 27.47
N PRO C 151 -18.03 -4.40 27.04
CA PRO C 151 -16.88 -4.40 26.12
C PRO C 151 -16.56 -5.78 25.57
N GLU C 152 -16.48 -5.89 24.25
CA GLU C 152 -16.11 -7.16 23.62
C GLU C 152 -14.65 -7.49 23.88
N PRO C 153 -14.27 -8.77 23.76
CA PRO C 153 -15.10 -9.94 23.50
C PRO C 153 -15.38 -10.76 24.76
N VAL C 154 -16.12 -11.85 24.61
CA VAL C 154 -16.35 -12.81 25.70
C VAL C 154 -16.23 -14.21 25.12
N THR C 155 -15.50 -15.09 25.81
CA THR C 155 -15.28 -16.44 25.30
C THR C 155 -15.81 -17.48 26.28
N VAL C 156 -16.54 -18.45 25.74
CA VAL C 156 -17.17 -19.49 26.56
C VAL C 156 -16.57 -20.85 26.21
N SER C 157 -16.38 -21.68 27.24
CA SER C 157 -15.83 -23.03 27.05
C SER C 157 -16.74 -24.07 27.70
N TRP C 158 -17.41 -24.86 26.87
CA TRP C 158 -18.28 -25.92 27.36
C TRP C 158 -17.46 -27.08 27.90
N ASN C 159 -17.48 -27.23 29.22
CA ASN C 159 -16.80 -28.34 29.88
C ASN C 159 -15.30 -28.31 29.60
N SER C 160 -14.76 -27.10 29.48
CA SER C 160 -13.33 -26.89 29.29
C SER C 160 -12.77 -27.67 28.10
N GLY C 161 -13.42 -27.54 26.94
CA GLY C 161 -12.92 -28.12 25.71
C GLY C 161 -13.25 -29.59 25.53
N ALA C 162 -14.19 -30.10 26.33
CA ALA C 162 -14.62 -31.49 26.19
C ALA C 162 -15.73 -31.59 25.16
N LEU C 163 -16.76 -30.76 25.32
CA LEU C 163 -17.89 -30.74 24.39
C LEU C 163 -17.57 -29.93 23.14
N THR C 164 -17.02 -30.61 22.13
CA THR C 164 -16.70 -29.99 20.85
C THR C 164 -17.74 -30.35 19.80
N SER C 165 -18.33 -31.53 19.95
CA SER C 165 -19.33 -32.03 19.01
C SER C 165 -20.74 -31.76 19.53
N GLY C 166 -21.59 -31.23 18.66
CA GLY C 166 -22.97 -30.97 19.00
C GLY C 166 -23.21 -29.57 19.56
N VAL C 167 -22.12 -28.81 19.70
CA VAL C 167 -22.20 -27.45 20.24
C VAL C 167 -22.19 -26.42 19.11
N HIS C 168 -23.06 -25.42 19.23
CA HIS C 168 -23.16 -24.36 18.23
C HIS C 168 -23.44 -23.02 18.91
N THR C 169 -22.37 -22.31 19.28
CA THR C 169 -22.49 -21.04 19.97
C THR C 169 -23.03 -19.95 19.04
N PHE C 170 -23.36 -18.81 19.63
CA PHE C 170 -23.84 -17.65 18.88
C PHE C 170 -22.90 -16.46 19.06
N PRO C 171 -22.97 -15.48 18.15
CA PRO C 171 -22.10 -14.30 18.27
C PRO C 171 -22.68 -13.24 19.19
N ALA C 172 -21.99 -12.12 19.33
CA ALA C 172 -22.40 -11.06 20.23
C ALA C 172 -23.71 -10.42 19.79
N VAL C 173 -24.37 -9.73 20.70
CA VAL C 173 -25.64 -9.06 20.41
C VAL C 173 -25.91 -7.96 21.43
N LEU C 174 -25.81 -6.71 20.99
CA LEU C 174 -25.98 -5.55 21.85
C LEU C 174 -27.46 -5.34 22.19
N GLN C 175 -27.73 -4.90 23.42
CA GLN C 175 -29.10 -4.79 23.92
C GLN C 175 -29.71 -3.41 23.70
N SER C 176 -30.90 -3.19 24.24
CA SER C 176 -31.59 -1.91 24.09
C SER C 176 -30.79 -0.75 24.70
N SER C 177 -30.50 -0.86 25.99
CA SER C 177 -29.84 0.21 26.74
C SER C 177 -28.54 0.70 26.09
N GLY C 178 -27.59 -0.19 25.82
CA GLY C 178 -27.67 -1.60 26.10
C GLY C 178 -26.33 -2.26 25.84
N LEU C 179 -26.00 -3.27 26.65
CA LEU C 179 -24.73 -3.97 26.53
C LEU C 179 -24.92 -5.28 25.75
N TYR C 180 -23.84 -6.03 25.61
CA TYR C 180 -23.87 -7.28 24.84
C TYR C 180 -24.48 -8.42 25.65
N SER C 181 -25.17 -9.31 24.95
CA SER C 181 -25.81 -10.47 25.58
C SER C 181 -25.62 -11.71 24.72
N LEU C 182 -24.50 -12.39 24.90
CA LEU C 182 -24.18 -13.58 24.12
C LEU C 182 -25.03 -14.77 24.51
N SER C 183 -24.86 -15.87 23.78
CA SER C 183 -25.61 -17.09 24.02
C SER C 183 -24.87 -18.30 23.45
N SER C 184 -24.87 -19.41 24.18
CA SER C 184 -24.28 -20.65 23.68
C SER C 184 -25.07 -21.87 24.13
N VAL C 185 -25.29 -22.81 23.22
CA VAL C 185 -26.15 -23.96 23.48
C VAL C 185 -25.52 -25.29 23.05
N VAL C 186 -26.09 -26.39 23.52
CA VAL C 186 -25.55 -27.73 23.28
C VAL C 186 -26.68 -28.75 23.14
N THR C 187 -26.41 -29.82 22.40
CA THR C 187 -27.35 -30.94 22.26
C THR C 187 -26.94 -32.09 23.16
N VAL C 188 -27.92 -32.86 23.62
CA VAL C 188 -27.66 -34.03 24.46
C VAL C 188 -28.92 -34.89 24.57
N PRO C 189 -28.79 -36.22 24.36
CA PRO C 189 -29.98 -37.07 24.39
C PRO C 189 -30.58 -37.23 25.77
N SER C 190 -31.84 -37.69 25.81
CA SER C 190 -32.54 -37.90 27.08
C SER C 190 -31.84 -38.96 27.92
N SER C 191 -31.02 -39.78 27.28
CA SER C 191 -30.26 -40.81 27.97
C SER C 191 -29.19 -40.20 28.87
N SER C 192 -28.67 -39.05 28.45
CA SER C 192 -27.61 -38.38 29.20
C SER C 192 -28.16 -37.40 30.23
N LEU C 193 -29.49 -37.35 30.35
CA LEU C 193 -30.13 -36.48 31.33
C LEU C 193 -29.88 -36.98 32.74
N GLY C 194 -28.73 -36.60 33.29
CA GLY C 194 -28.37 -36.96 34.66
C GLY C 194 -27.10 -37.80 34.76
N THR C 195 -26.47 -38.07 33.62
CA THR C 195 -25.28 -38.92 33.60
C THR C 195 -23.99 -38.13 33.77
N LYS C 196 -23.98 -36.90 33.24
CA LYS C 196 -22.78 -36.07 33.25
C LYS C 196 -23.09 -34.62 33.58
N THR C 197 -22.08 -33.92 34.09
CA THR C 197 -22.22 -32.51 34.47
C THR C 197 -21.83 -31.58 33.33
N TYR C 198 -22.82 -31.15 32.56
CA TYR C 198 -22.61 -30.19 31.48
C TYR C 198 -22.64 -28.76 32.02
N THR C 199 -21.48 -28.12 32.08
CA THR C 199 -21.38 -26.75 32.57
C THR C 199 -20.39 -25.95 31.74
N CYS C 200 -20.75 -24.70 31.45
CA CYS C 200 -19.92 -23.82 30.63
C CYS C 200 -18.98 -22.97 31.49
N ASN C 201 -17.68 -23.17 31.30
CA ASN C 201 -16.68 -22.33 31.93
C ASN C 201 -16.39 -21.11 31.04
N VAL C 202 -16.68 -19.93 31.57
CA VAL C 202 -16.62 -18.70 30.79
C VAL C 202 -15.39 -17.87 31.14
N ASP C 203 -14.88 -17.12 30.17
CA ASP C 203 -13.74 -16.24 30.36
C ASP C 203 -13.93 -14.91 29.63
N HIS C 204 -13.54 -13.84 30.31
CA HIS C 204 -13.61 -12.49 29.75
C HIS C 204 -12.57 -11.59 30.44
N LYS C 205 -11.57 -11.19 29.67
CA LYS C 205 -10.48 -10.36 30.19
C LYS C 205 -10.93 -9.00 30.72
N PRO C 206 -11.76 -8.26 29.96
CA PRO C 206 -12.05 -6.88 30.39
C PRO C 206 -12.85 -6.82 31.69
N SER C 207 -13.74 -7.79 31.90
CA SER C 207 -14.52 -7.87 33.13
C SER C 207 -13.80 -8.74 34.17
N ASN C 208 -12.60 -9.19 33.83
CA ASN C 208 -11.77 -10.02 34.69
C ASN C 208 -12.51 -11.16 35.39
N THR C 209 -13.57 -11.66 34.75
CA THR C 209 -14.36 -12.76 35.30
C THR C 209 -13.73 -14.11 34.99
N LYS C 210 -14.36 -15.16 35.50
CA LYS C 210 -13.89 -16.52 35.27
C LYS C 210 -14.91 -17.55 35.73
N ASP D 1 -5.95 5.64 -2.01
CA ASP D 1 -5.91 6.46 -3.25
C ASP D 1 -6.02 5.58 -4.50
N ILE D 2 -5.79 4.29 -4.33
CA ILE D 2 -6.00 3.32 -5.41
C ILE D 2 -7.31 2.57 -5.17
N GLN D 3 -8.26 2.73 -6.09
CA GLN D 3 -9.58 2.14 -5.94
C GLN D 3 -9.57 0.65 -6.27
N MET D 4 -9.72 -0.18 -5.24
CA MET D 4 -9.81 -1.63 -5.39
C MET D 4 -11.24 -2.08 -5.10
N THR D 5 -11.87 -2.75 -6.07
CA THR D 5 -13.26 -3.17 -5.94
C THR D 5 -13.50 -4.57 -6.51
N GLN D 6 -14.05 -5.46 -5.69
CA GLN D 6 -14.30 -6.84 -6.11
C GLN D 6 -15.77 -7.12 -6.36
N SER D 7 -16.02 -7.99 -7.33
CA SER D 7 -17.39 -8.37 -7.70
C SER D 7 -17.44 -9.86 -8.03
N PRO D 8 -18.59 -10.52 -7.79
CA PRO D 8 -19.85 -10.00 -7.21
C PRO D 8 -19.73 -9.65 -5.74
N SER D 9 -20.78 -9.05 -5.19
CA SER D 9 -20.80 -8.64 -3.79
C SER D 9 -21.16 -9.82 -2.88
N SER D 10 -21.77 -10.85 -3.46
CA SER D 10 -22.14 -12.05 -2.72
C SER D 10 -22.54 -13.16 -3.69
N VAL D 11 -22.18 -14.40 -3.39
CA VAL D 11 -22.45 -15.53 -4.27
C VAL D 11 -22.67 -16.83 -3.51
N SER D 12 -23.92 -17.32 -3.51
CA SER D 12 -24.22 -18.62 -2.94
C SER D 12 -24.20 -19.68 -4.04
N ALA D 13 -23.74 -20.88 -3.71
CA ALA D 13 -23.63 -21.97 -4.69
C ALA D 13 -23.44 -23.32 -4.01
N SER D 14 -24.08 -24.35 -4.55
CA SER D 14 -24.02 -25.69 -3.98
C SER D 14 -22.62 -26.28 -4.06
N VAL D 15 -22.47 -27.50 -3.52
CA VAL D 15 -21.17 -28.14 -3.42
C VAL D 15 -20.80 -28.86 -4.72
N GLY D 16 -19.53 -28.80 -5.09
CA GLY D 16 -19.04 -29.43 -6.29
C GLY D 16 -19.31 -28.60 -7.52
N ASP D 17 -19.36 -27.29 -7.33
CA ASP D 17 -19.69 -26.35 -8.40
C ASP D 17 -18.48 -25.53 -8.82
N ARG D 18 -18.56 -24.94 -10.01
CA ARG D 18 -17.55 -23.99 -10.47
C ARG D 18 -17.93 -22.60 -10.00
N VAL D 19 -16.95 -21.85 -9.50
CA VAL D 19 -17.17 -20.53 -8.93
C VAL D 19 -16.19 -19.52 -9.49
N THR D 20 -16.57 -18.24 -9.50
CA THR D 20 -15.71 -17.18 -10.00
C THR D 20 -15.86 -15.88 -9.19
N ILE D 21 -14.76 -15.15 -9.04
CA ILE D 21 -14.77 -13.80 -8.45
C ILE D 21 -13.76 -12.94 -9.20
N THR D 22 -14.03 -11.63 -9.27
CA THR D 22 -13.18 -10.71 -10.02
C THR D 22 -12.80 -9.46 -9.24
N CYS D 23 -11.52 -9.08 -9.36
CA CYS D 23 -11.02 -7.81 -8.85
C CYS D 23 -10.97 -6.77 -9.96
N ARG D 24 -11.36 -5.55 -9.64
CA ARG D 24 -11.18 -4.41 -10.53
C ARG D 24 -10.44 -3.29 -9.81
N ALA D 25 -9.37 -2.82 -10.44
CA ALA D 25 -8.56 -1.74 -9.90
C ALA D 25 -8.74 -0.48 -10.73
N SER D 26 -8.55 0.67 -10.09
CA SER D 26 -8.70 1.94 -10.79
C SER D 26 -7.52 2.20 -11.73
N GLN D 27 -6.31 1.91 -11.27
CA GLN D 27 -5.10 2.11 -12.06
C GLN D 27 -4.50 0.76 -12.46
N GLY D 28 -3.38 0.82 -13.18
CA GLY D 28 -2.68 -0.38 -13.62
C GLY D 28 -2.11 -1.17 -12.46
N ILE D 29 -1.87 -2.46 -12.69
CA ILE D 29 -1.37 -3.36 -11.67
C ILE D 29 -0.23 -4.25 -12.19
N SER D 30 -0.23 -4.45 -13.51
CA SER D 30 0.71 -5.38 -14.15
C SER D 30 0.38 -6.81 -13.72
N SER D 31 0.72 -7.14 -12.48
CA SER D 31 0.39 -8.43 -11.90
C SER D 31 0.57 -8.45 -10.38
N TRP D 32 0.70 -7.26 -9.79
CA TRP D 32 0.92 -7.14 -8.35
C TRP D 32 -0.38 -7.06 -7.57
N LEU D 33 -0.95 -8.22 -7.26
CA LEU D 33 -2.04 -8.30 -6.31
C LEU D 33 -2.17 -9.72 -5.79
N ALA D 34 -3.01 -9.92 -4.77
CA ALA D 34 -3.21 -11.25 -4.22
C ALA D 34 -4.65 -11.49 -3.73
N TRP D 35 -4.87 -12.71 -3.25
CA TRP D 35 -6.19 -13.24 -2.97
C TRP D 35 -6.25 -13.87 -1.59
N TYR D 36 -7.12 -13.32 -0.73
CA TYR D 36 -7.21 -13.76 0.66
C TYR D 36 -8.57 -14.35 1.00
N GLN D 37 -8.55 -15.35 1.89
CA GLN D 37 -9.75 -15.95 2.44
C GLN D 37 -9.83 -15.63 3.92
N GLN D 38 -11.04 -15.42 4.43
CA GLN D 38 -11.23 -15.11 5.84
C GLN D 38 -12.48 -15.79 6.40
N LYS D 39 -12.25 -16.79 7.25
CA LYS D 39 -13.32 -17.34 8.08
C LYS D 39 -13.53 -16.37 9.24
N PRO D 40 -14.78 -16.26 9.73
CA PRO D 40 -15.08 -15.25 10.74
C PRO D 40 -14.37 -15.51 12.07
N GLY D 41 -13.96 -14.44 12.74
CA GLY D 41 -13.24 -14.56 14.00
C GLY D 41 -11.77 -14.89 13.78
N LYS D 42 -11.53 -16.01 13.10
CA LYS D 42 -10.16 -16.43 12.79
C LYS D 42 -9.47 -15.41 11.88
N ALA D 43 -8.15 -15.50 11.80
CA ALA D 43 -7.37 -14.54 11.02
C ALA D 43 -7.42 -14.88 9.53
N PRO D 44 -7.34 -13.85 8.66
CA PRO D 44 -7.31 -14.09 7.21
C PRO D 44 -6.18 -15.01 6.78
N LYS D 45 -6.46 -15.90 5.82
CA LYS D 45 -5.45 -16.81 5.28
C LYS D 45 -5.17 -16.46 3.83
N LEU D 46 -3.91 -16.62 3.43
CA LEU D 46 -3.50 -16.35 2.06
C LEU D 46 -3.99 -17.45 1.13
N LEU D 47 -4.91 -17.11 0.23
CA LEU D 47 -5.46 -18.05 -0.72
C LEU D 47 -4.55 -18.19 -1.94
N ILE D 48 -4.31 -17.07 -2.62
CA ILE D 48 -3.53 -17.06 -3.86
C ILE D 48 -2.67 -15.82 -3.95
N TYR D 49 -1.38 -16.00 -4.27
CA TYR D 49 -0.45 -14.88 -4.36
C TYR D 49 0.02 -14.65 -5.80
N ALA D 50 0.56 -13.46 -6.05
CA ALA D 50 1.04 -13.06 -7.37
C ALA D 50 -0.08 -13.17 -8.42
N ALA D 51 -1.32 -13.09 -7.96
CA ALA D 51 -2.49 -13.02 -8.85
C ALA D 51 -2.68 -14.25 -9.73
N SER D 52 -1.85 -15.28 -9.57
CA SER D 52 -1.95 -16.46 -10.42
C SER D 52 -1.21 -17.67 -9.87
N SER D 53 -0.84 -17.64 -8.59
CA SER D 53 -0.12 -18.75 -7.98
C SER D 53 -0.67 -19.06 -6.58
N LEU D 54 -0.81 -20.35 -6.28
CA LEU D 54 -1.37 -20.79 -5.01
C LEU D 54 -0.29 -20.95 -3.95
N GLN D 55 -0.62 -20.56 -2.72
CA GLN D 55 0.30 -20.68 -1.61
C GLN D 55 0.41 -22.12 -1.12
N SER D 56 1.53 -22.45 -0.49
CA SER D 56 1.73 -23.77 0.09
C SER D 56 0.69 -24.04 1.18
N GLY D 57 0.15 -25.24 1.19
CA GLY D 57 -0.90 -25.61 2.14
C GLY D 57 -2.27 -25.20 1.63
N VAL D 58 -2.41 -25.16 0.32
CA VAL D 58 -3.68 -24.80 -0.32
C VAL D 58 -3.91 -25.73 -1.52
N PRO D 59 -5.13 -26.30 -1.64
CA PRO D 59 -5.39 -27.24 -2.73
C PRO D 59 -5.36 -26.60 -4.12
N SER D 60 -5.41 -27.43 -5.15
CA SER D 60 -5.29 -26.96 -6.53
C SER D 60 -6.65 -26.73 -7.19
N ARG D 61 -7.73 -26.94 -6.43
CA ARG D 61 -9.07 -26.68 -6.95
C ARG D 61 -9.24 -25.17 -7.17
N PHE D 62 -8.56 -24.38 -6.35
CA PHE D 62 -8.51 -22.93 -6.53
C PHE D 62 -7.75 -22.60 -7.80
N SER D 63 -8.10 -21.48 -8.43
CA SER D 63 -7.33 -20.97 -9.55
C SER D 63 -7.39 -19.45 -9.65
N GLY D 64 -6.21 -18.83 -9.75
CA GLY D 64 -6.09 -17.40 -9.92
C GLY D 64 -5.69 -17.06 -11.34
N SER D 65 -5.90 -15.81 -11.74
CA SER D 65 -5.59 -15.37 -13.10
C SER D 65 -5.79 -13.87 -13.28
N GLY D 66 -5.20 -13.35 -14.35
CA GLY D 66 -5.38 -11.95 -14.73
C GLY D 66 -4.10 -11.15 -14.80
N SER D 67 -4.20 -10.00 -15.46
CA SER D 67 -3.08 -9.06 -15.57
C SER D 67 -3.61 -7.68 -15.93
N GLY D 68 -2.89 -6.64 -15.50
CA GLY D 68 -3.29 -5.27 -15.79
C GLY D 68 -4.28 -4.71 -14.78
N THR D 69 -5.51 -5.21 -14.83
CA THR D 69 -6.56 -4.77 -13.90
C THR D 69 -7.76 -5.71 -13.92
N ASP D 70 -7.99 -6.38 -15.04
CA ASP D 70 -9.07 -7.36 -15.14
C ASP D 70 -8.61 -8.72 -14.61
N PHE D 71 -8.65 -8.88 -13.29
CA PHE D 71 -8.18 -10.10 -12.64
C PHE D 71 -9.34 -11.00 -12.21
N THR D 72 -9.03 -12.26 -11.91
CA THR D 72 -10.05 -13.24 -11.55
C THR D 72 -9.61 -14.22 -10.46
N LEU D 73 -10.58 -14.96 -9.95
CA LEU D 73 -10.34 -16.10 -9.08
C LEU D 73 -11.45 -17.11 -9.36
N THR D 74 -11.08 -18.24 -9.96
CA THR D 74 -12.04 -19.30 -10.23
C THR D 74 -11.76 -20.53 -9.37
N ILE D 75 -12.83 -21.18 -8.93
CA ILE D 75 -12.76 -22.45 -8.22
C ILE D 75 -13.41 -23.50 -9.11
N SER D 76 -12.64 -24.54 -9.46
CA SER D 76 -13.11 -25.55 -10.40
C SER D 76 -14.12 -26.51 -9.76
N SER D 77 -13.98 -26.71 -8.46
CA SER D 77 -14.90 -27.58 -7.72
C SER D 77 -14.96 -27.15 -6.26
N LEU D 78 -16.15 -27.17 -5.67
CA LEU D 78 -16.37 -26.62 -4.35
C LEU D 78 -16.62 -27.70 -3.29
N GLN D 79 -16.20 -27.41 -2.06
CA GLN D 79 -16.40 -28.31 -0.92
C GLN D 79 -17.06 -27.52 0.20
N PRO D 80 -17.62 -28.21 1.20
CA PRO D 80 -18.43 -27.49 2.19
C PRO D 80 -17.61 -26.66 3.18
N GLU D 81 -16.31 -26.92 3.29
CA GLU D 81 -15.45 -26.15 4.19
C GLU D 81 -14.91 -24.89 3.51
N ASP D 82 -15.45 -24.57 2.34
CA ASP D 82 -15.01 -23.40 1.59
C ASP D 82 -15.86 -22.17 1.89
N PHE D 83 -16.55 -22.20 3.03
CA PHE D 83 -17.40 -21.09 3.43
C PHE D 83 -16.60 -20.01 4.17
N ALA D 84 -16.44 -18.86 3.53
CA ALA D 84 -15.67 -17.76 4.11
C ALA D 84 -15.86 -16.48 3.29
N THR D 85 -15.26 -15.40 3.76
CA THR D 85 -15.27 -14.14 3.03
C THR D 85 -13.94 -13.94 2.32
N TYR D 86 -13.99 -13.50 1.07
CA TYR D 86 -12.82 -13.42 0.21
C TYR D 86 -12.46 -11.96 -0.10
N TYR D 87 -11.16 -11.67 -0.09
CA TYR D 87 -10.67 -10.30 -0.22
C TYR D 87 -9.53 -10.17 -1.22
N CYS D 88 -9.44 -8.98 -1.81
CA CYS D 88 -8.38 -8.67 -2.76
C CYS D 88 -7.23 -7.99 -2.05
N GLN D 89 -6.02 -8.19 -2.58
CA GLN D 89 -4.82 -7.61 -2.02
C GLN D 89 -4.06 -6.78 -3.06
N GLN D 90 -4.09 -5.46 -2.89
CA GLN D 90 -3.27 -4.56 -3.69
C GLN D 90 -1.79 -4.90 -3.48
N ALA D 91 -0.93 -4.44 -4.38
CA ALA D 91 0.51 -4.61 -4.21
C ALA D 91 1.32 -3.75 -5.19
N ASN D 92 0.69 -3.30 -6.26
CA ASN D 92 1.37 -2.49 -7.27
C ASN D 92 2.02 -1.23 -6.70
N SER D 93 1.31 -0.55 -5.80
CA SER D 93 1.79 0.72 -5.25
C SER D 93 1.04 1.13 -3.99
N PHE D 94 1.56 2.16 -3.32
CA PHE D 94 0.93 2.71 -2.13
C PHE D 94 -0.13 3.74 -2.51
N PRO D 95 -1.10 3.99 -1.60
CA PRO D 95 -1.30 3.27 -0.34
C PRO D 95 -2.02 1.96 -0.59
N ILE D 96 -1.54 0.88 0.03
CA ILE D 96 -2.03 -0.46 -0.25
C ILE D 96 -3.45 -0.62 0.33
N THR D 97 -4.35 -1.17 -0.49
CA THR D 97 -5.76 -1.31 -0.10
C THR D 97 -6.30 -2.68 -0.50
N PHE D 98 -7.57 -2.93 -0.18
CA PHE D 98 -8.20 -4.22 -0.39
C PHE D 98 -9.54 -4.11 -1.11
N GLY D 99 -10.13 -5.26 -1.42
CA GLY D 99 -11.44 -5.30 -2.05
C GLY D 99 -12.53 -5.00 -1.06
N GLN D 100 -13.76 -4.82 -1.56
CA GLN D 100 -14.90 -4.50 -0.70
C GLN D 100 -15.23 -5.62 0.27
N GLY D 101 -14.77 -6.83 -0.04
CA GLY D 101 -15.03 -7.99 0.79
C GLY D 101 -16.22 -8.79 0.31
N THR D 102 -15.96 -9.85 -0.44
CA THR D 102 -17.02 -10.73 -0.94
C THR D 102 -17.28 -11.85 0.06
N ARG D 103 -18.55 -12.25 0.17
CA ARG D 103 -18.95 -13.34 1.05
C ARG D 103 -19.83 -14.33 0.28
N LEU D 104 -19.47 -15.61 0.36
CA LEU D 104 -20.22 -16.64 -0.36
C LEU D 104 -21.10 -17.44 0.58
N GLU D 105 -22.00 -18.23 0.00
CA GLU D 105 -22.87 -19.13 0.75
C GLU D 105 -22.91 -20.50 0.06
N ILE D 106 -23.63 -21.44 0.66
CA ILE D 106 -23.72 -22.79 0.13
C ILE D 106 -25.17 -23.21 -0.08
N LYS D 107 -25.49 -23.57 -1.32
CA LYS D 107 -26.82 -24.09 -1.66
C LYS D 107 -27.02 -25.46 -1.03
N ARG D 108 -27.48 -25.48 0.21
CA ARG D 108 -27.71 -26.71 0.96
C ARG D 108 -29.15 -27.18 0.74
N THR D 109 -29.34 -28.50 0.64
CA THR D 109 -30.68 -29.04 0.48
C THR D 109 -31.49 -28.75 1.74
N VAL D 110 -32.75 -28.37 1.54
CA VAL D 110 -33.58 -27.81 2.61
C VAL D 110 -33.64 -28.71 3.84
N ALA D 111 -33.24 -28.16 4.98
CA ALA D 111 -33.20 -28.88 6.24
C ALA D 111 -34.19 -28.27 7.24
N ALA D 112 -34.81 -29.13 8.05
CA ALA D 112 -35.78 -28.69 9.05
C ALA D 112 -35.19 -28.74 10.46
N PRO D 113 -35.51 -27.74 11.30
CA PRO D 113 -34.95 -27.70 12.66
C PRO D 113 -35.77 -28.45 13.71
N SER D 114 -35.10 -28.88 14.77
CA SER D 114 -35.77 -29.42 15.95
C SER D 114 -35.79 -28.34 17.03
N VAL D 115 -36.89 -27.60 17.08
CA VAL D 115 -36.99 -26.41 17.93
C VAL D 115 -36.95 -26.74 19.43
N PHE D 116 -36.44 -25.79 20.20
CA PHE D 116 -36.41 -25.89 21.67
C PHE D 116 -36.85 -24.59 22.32
N ILE D 117 -37.25 -24.67 23.58
CA ILE D 117 -37.50 -23.49 24.41
C ILE D 117 -36.97 -23.76 25.81
N PHE D 118 -36.42 -22.71 26.43
CA PHE D 118 -35.87 -22.83 27.77
C PHE D 118 -36.40 -21.69 28.66
N PRO D 119 -36.39 -21.90 29.98
CA PRO D 119 -36.95 -20.94 30.93
C PRO D 119 -35.94 -19.90 31.45
N PRO D 120 -36.42 -18.91 32.22
CA PRO D 120 -35.53 -17.97 32.91
C PRO D 120 -34.91 -18.58 34.17
N SER D 121 -34.26 -17.76 34.99
CA SER D 121 -33.65 -18.22 36.23
C SER D 121 -34.20 -17.44 37.42
N ASP D 122 -34.18 -18.05 38.60
CA ASP D 122 -34.67 -17.42 39.82
C ASP D 122 -33.71 -16.34 40.28
N GLU D 123 -32.41 -16.61 40.16
CA GLU D 123 -31.39 -15.63 40.50
C GLU D 123 -31.48 -14.45 39.52
N GLN D 124 -31.72 -14.77 38.25
CA GLN D 124 -31.90 -13.78 37.22
C GLN D 124 -33.12 -12.91 37.53
N LEU D 125 -34.23 -13.56 37.86
CA LEU D 125 -35.46 -12.86 38.19
C LEU D 125 -35.30 -12.09 39.50
N LYS D 126 -34.47 -12.63 40.40
CA LYS D 126 -34.22 -12.00 41.68
C LYS D 126 -33.35 -10.75 41.50
N SER D 127 -32.41 -10.82 40.58
CA SER D 127 -31.54 -9.68 40.27
C SER D 127 -32.36 -8.50 39.77
N GLY D 128 -33.38 -8.80 38.96
CA GLY D 128 -34.25 -7.76 38.41
C GLY D 128 -35.25 -8.30 37.41
N THR D 129 -34.96 -8.13 36.13
CA THR D 129 -35.83 -8.59 35.06
C THR D 129 -35.51 -10.04 34.70
N ALA D 130 -36.07 -10.52 33.59
CA ALA D 130 -35.86 -11.89 33.16
C ALA D 130 -35.89 -12.02 31.63
N SER D 131 -35.44 -13.18 31.14
CA SER D 131 -35.36 -13.43 29.71
C SER D 131 -35.86 -14.85 29.36
N VAL D 132 -36.33 -15.00 28.13
CA VAL D 132 -36.82 -16.29 27.63
C VAL D 132 -36.28 -16.50 26.22
N VAL D 133 -35.90 -17.75 25.91
CA VAL D 133 -35.19 -18.03 24.67
C VAL D 133 -35.99 -18.91 23.70
N CYS D 134 -35.41 -19.11 22.51
CA CYS D 134 -35.97 -19.96 21.48
C CYS D 134 -35.00 -20.04 20.31
N LEU D 135 -34.57 -21.26 19.96
CA LEU D 135 -33.59 -21.44 18.89
C LEU D 135 -33.99 -22.57 17.96
N LEU D 136 -33.31 -22.62 16.82
CA LEU D 136 -33.53 -23.65 15.81
C LEU D 136 -32.17 -24.10 15.27
N ASN D 137 -31.75 -25.30 15.65
CA ASN D 137 -30.43 -25.81 15.27
C ASN D 137 -30.48 -26.82 14.13
N ASN D 138 -29.38 -26.90 13.39
CA ASN D 138 -29.27 -27.83 12.27
C ASN D 138 -30.38 -27.62 11.24
N PHE D 139 -30.32 -26.51 10.52
CA PHE D 139 -31.35 -26.19 9.55
C PHE D 139 -30.83 -25.37 8.38
N TYR D 140 -31.69 -25.22 7.38
CA TYR D 140 -31.39 -24.44 6.18
C TYR D 140 -32.69 -24.26 5.38
N PRO D 141 -32.92 -23.06 4.83
CA PRO D 141 -32.12 -21.84 4.84
C PRO D 141 -32.45 -20.90 6.00
N ARG D 142 -31.73 -19.78 6.06
CA ARG D 142 -31.89 -18.81 7.14
C ARG D 142 -33.20 -18.04 7.04
N GLU D 143 -33.78 -18.02 5.84
CA GLU D 143 -35.03 -17.31 5.61
C GLU D 143 -36.18 -17.96 6.37
N ALA D 144 -36.32 -17.61 7.64
CA ALA D 144 -37.38 -18.16 8.48
C ALA D 144 -37.72 -17.19 9.61
N LYS D 145 -38.94 -16.68 9.59
CA LYS D 145 -39.38 -15.68 10.55
C LYS D 145 -39.94 -16.33 11.83
N VAL D 146 -40.07 -15.53 12.89
CA VAL D 146 -40.53 -16.02 14.18
C VAL D 146 -41.61 -15.10 14.76
N GLN D 147 -42.46 -15.66 15.60
CA GLN D 147 -43.52 -14.88 16.26
C GLN D 147 -43.84 -15.45 17.63
N TRP D 148 -43.49 -14.71 18.68
CA TRP D 148 -43.76 -15.12 20.06
C TRP D 148 -45.20 -14.77 20.46
N LYS D 149 -46.03 -15.81 20.59
CA LYS D 149 -47.44 -15.62 20.95
C LYS D 149 -47.68 -15.93 22.42
N VAL D 150 -47.09 -15.11 23.30
CA VAL D 150 -47.30 -15.26 24.73
C VAL D 150 -48.72 -14.84 25.09
N ASP D 151 -49.52 -15.80 25.55
CA ASP D 151 -50.93 -15.56 25.84
C ASP D 151 -51.65 -15.13 24.56
N ASN D 152 -51.23 -15.69 23.45
CA ASN D 152 -51.81 -15.37 22.14
C ASN D 152 -51.64 -13.90 21.79
N ALA D 153 -50.60 -13.28 22.33
CA ALA D 153 -50.30 -11.88 22.06
C ALA D 153 -48.98 -11.74 21.31
N LEU D 154 -49.03 -11.09 20.16
CA LEU D 154 -47.83 -10.85 19.38
C LEU D 154 -46.89 -9.94 20.17
N GLN D 155 -45.73 -10.45 20.52
CA GLN D 155 -44.75 -9.68 21.27
C GLN D 155 -44.06 -8.67 20.37
N SER D 156 -44.86 -7.78 19.77
CA SER D 156 -44.31 -6.66 19.02
C SER D 156 -43.53 -5.76 19.97
N GLY D 157 -42.41 -6.28 20.46
CA GLY D 157 -41.65 -5.63 21.51
C GLY D 157 -40.17 -5.96 21.45
N ASN D 158 -39.64 -6.42 22.57
CA ASN D 158 -38.19 -6.61 22.71
C ASN D 158 -37.71 -7.99 22.25
N SER D 159 -37.41 -8.09 20.95
CA SER D 159 -36.79 -9.28 20.39
C SER D 159 -35.29 -9.07 20.24
N GLN D 160 -34.59 -10.10 19.78
CA GLN D 160 -33.15 -10.03 19.59
C GLN D 160 -32.65 -11.28 18.88
N GLU D 161 -32.88 -11.35 17.57
CA GLU D 161 -32.55 -12.54 16.78
C GLU D 161 -31.15 -12.49 16.20
N SER D 162 -30.21 -13.11 16.90
CA SER D 162 -28.84 -13.25 16.40
C SER D 162 -28.68 -14.60 15.72
N VAL D 163 -27.73 -14.67 14.78
CA VAL D 163 -27.53 -15.84 13.95
C VAL D 163 -26.06 -16.23 13.90
N THR D 164 -25.78 -17.51 13.73
CA THR D 164 -24.41 -18.01 13.68
C THR D 164 -23.93 -18.15 12.23
N GLU D 165 -22.66 -18.52 12.07
CA GLU D 165 -22.10 -18.81 10.76
C GLU D 165 -22.34 -20.28 10.42
N GLN D 166 -22.39 -20.59 9.12
CA GLN D 166 -22.72 -21.93 8.66
C GLN D 166 -21.67 -22.95 9.10
N ASP D 167 -22.10 -24.20 9.28
CA ASP D 167 -21.22 -25.26 9.75
C ASP D 167 -20.16 -25.60 8.71
N SER D 168 -19.06 -26.18 9.17
CA SER D 168 -17.95 -26.53 8.30
C SER D 168 -18.32 -27.68 7.36
N LYS D 169 -18.67 -28.82 7.93
CA LYS D 169 -19.00 -30.01 7.15
C LYS D 169 -20.51 -30.16 6.97
N ASP D 170 -21.27 -29.78 7.99
CA ASP D 170 -22.72 -29.92 7.97
C ASP D 170 -23.37 -28.96 6.97
N SER D 171 -22.81 -27.75 6.89
CA SER D 171 -23.38 -26.70 6.03
C SER D 171 -24.82 -26.38 6.43
N THR D 172 -25.01 -26.05 7.71
CA THR D 172 -26.32 -25.70 8.24
C THR D 172 -26.22 -24.55 9.25
N TYR D 173 -27.30 -23.79 9.38
CA TYR D 173 -27.31 -22.61 10.26
C TYR D 173 -27.90 -22.92 11.64
N SER D 174 -27.95 -21.88 12.48
CA SER D 174 -28.62 -21.95 13.76
C SER D 174 -28.92 -20.54 14.25
N LEU D 175 -30.20 -20.22 14.44
CA LEU D 175 -30.62 -18.87 14.84
C LEU D 175 -31.11 -18.86 16.29
N SER D 176 -31.04 -17.69 16.92
CA SER D 176 -31.50 -17.52 18.30
C SER D 176 -32.37 -16.28 18.47
N SER D 177 -33.68 -16.45 18.32
CA SER D 177 -34.63 -15.37 18.54
C SER D 177 -35.00 -15.26 20.01
N THR D 178 -34.24 -14.46 20.74
CA THR D 178 -34.44 -14.30 22.18
C THR D 178 -35.48 -13.24 22.51
N LEU D 179 -36.19 -13.42 23.61
CA LEU D 179 -37.14 -12.44 24.12
C LEU D 179 -36.87 -12.15 25.59
N THR D 180 -37.49 -11.10 26.12
CA THR D 180 -37.20 -10.64 27.47
C THR D 180 -38.36 -9.87 28.09
N LEU D 181 -38.38 -9.82 29.43
CA LEU D 181 -39.43 -9.11 30.16
C LEU D 181 -39.10 -8.99 31.64
N SER D 182 -39.74 -8.02 32.31
CA SER D 182 -39.49 -7.77 33.72
C SER D 182 -40.01 -8.90 34.60
N LYS D 183 -39.66 -8.84 35.89
CA LYS D 183 -40.07 -9.87 36.84
C LYS D 183 -41.56 -9.76 37.16
N ALA D 184 -42.10 -8.54 37.07
CA ALA D 184 -43.51 -8.30 37.34
C ALA D 184 -44.35 -8.64 36.12
N ASP D 185 -43.87 -8.25 34.95
CA ASP D 185 -44.59 -8.51 33.71
C ASP D 185 -44.55 -10.00 33.34
N TYR D 186 -43.59 -10.71 33.90
CA TYR D 186 -43.45 -12.14 33.65
C TYR D 186 -44.56 -12.92 34.34
N GLU D 187 -44.95 -12.46 35.53
CA GLU D 187 -46.06 -13.05 36.26
C GLU D 187 -47.38 -12.41 35.85
N LYS D 188 -47.32 -11.45 34.94
CA LYS D 188 -48.51 -10.82 34.41
C LYS D 188 -49.28 -11.80 33.52
N HIS D 189 -48.55 -12.79 33.01
CA HIS D 189 -49.15 -13.85 32.20
C HIS D 189 -48.59 -15.20 32.64
N LYS D 190 -49.05 -16.27 32.01
CA LYS D 190 -48.61 -17.62 32.33
C LYS D 190 -48.19 -18.36 31.06
N VAL D 191 -48.92 -18.14 29.98
CA VAL D 191 -48.65 -18.81 28.72
C VAL D 191 -47.52 -18.12 27.95
N TYR D 192 -46.59 -18.90 27.44
CA TYR D 192 -45.48 -18.38 26.65
C TYR D 192 -45.11 -19.37 25.53
N ALA D 193 -45.24 -18.92 24.29
CA ALA D 193 -45.00 -19.77 23.14
C ALA D 193 -44.32 -19.01 21.99
N CYS D 194 -44.17 -19.67 20.85
CA CYS D 194 -43.51 -19.09 19.69
C CYS D 194 -44.11 -19.58 18.38
N GLU D 195 -43.59 -19.06 17.27
CA GLU D 195 -44.01 -19.47 15.94
C GLU D 195 -42.80 -19.83 15.09
N VAL D 196 -43.04 -20.46 13.94
CA VAL D 196 -41.96 -20.92 13.07
C VAL D 196 -42.36 -20.84 11.59
N THR D 197 -41.38 -20.58 10.73
CA THR D 197 -41.58 -20.55 9.30
C THR D 197 -40.96 -21.79 8.65
N HIS D 198 -41.59 -22.28 7.59
CA HIS D 198 -41.12 -23.46 6.85
C HIS D 198 -40.82 -24.63 7.78
N SER D 202 -46.50 -30.70 7.50
CA SER D 202 -46.76 -29.45 8.19
C SER D 202 -45.80 -28.36 7.73
N SER D 203 -45.93 -27.17 8.32
CA SER D 203 -45.06 -26.04 8.01
C SER D 203 -44.91 -25.12 9.21
N PRO D 204 -46.02 -24.53 9.70
CA PRO D 204 -45.90 -23.73 10.93
C PRO D 204 -45.87 -24.62 12.17
N VAL D 205 -44.96 -24.30 13.09
CA VAL D 205 -44.78 -25.09 14.31
C VAL D 205 -44.58 -24.16 15.50
N THR D 206 -44.90 -24.66 16.70
CA THR D 206 -44.78 -23.87 17.92
C THR D 206 -44.14 -24.68 19.04
N LYS D 207 -44.07 -24.09 20.23
CA LYS D 207 -43.52 -24.76 21.40
C LYS D 207 -43.82 -23.95 22.66
N SER D 208 -43.86 -24.63 23.80
CA SER D 208 -44.13 -23.97 25.07
C SER D 208 -43.40 -24.67 26.22
N ASN D 210 -46.75 -23.48 30.24
CA ASN D 210 -47.15 -22.28 30.97
C ASN D 210 -47.06 -22.47 32.48
N ARG D 211 -46.28 -21.63 33.13
CA ARG D 211 -46.09 -21.70 34.58
C ARG D 211 -45.41 -20.44 35.11
#